data_9D85
#
_entry.id   9D85
#
loop_
_entity.id
_entity.type
_entity.pdbx_description
1 polymer 'Probable bifunctional tRNA threonylcarbamoyladenosine biosynthesis protein'
2 polymer 'Regulatory protein Cgi121'
3 polymer 'Probable bifunctional tRNA threonylcarbamoyladenosine biosynthesis protein'
4 polymer 'KEOPS complex subunit Pcc1'
5 polymer tRNA
#
loop_
_entity_poly.entity_id
_entity_poly.type
_entity_poly.pdbx_seq_one_letter_code
_entity_poly.pdbx_strand_id
1 'polypeptide(L)'
;KIPEHLIGKGAEADIKRDSYLDFDVIIKERVKKGYRDERLDENIRKSRTAREARYLALVKDFGIPAPYIFDVDLDNKRIM
MSYINGKLAKDVIEDNLDIAYKIGEIVGKLHKNDVIHNDLTTSNFIFDKDLYIIDFGLGKISNLDRDKAVDLIVFKKAVL
STHHEKFDEIWERFLEGYKSVYDRWEIILELMKDVERRARYVE
;
B
2 'polypeptide(L)'
;MDPMIIRGIRGARINNEIFNLGLKFQILNADVVATKKHVLHAINQAKTKKPIAKSFWMEILVRASGQRQIHEAIKIIGAK
DGNVCLICEDEETFRKIYELIGGEIDDSVLEINEDKERLIREIFKIRGFGNVVERVLEKIALIELKKE
;
C
3 'polypeptide(L)'
;MDPMICLGLEGTAEKTGVGIVTSDGEVLFNKTIMYKPPKQGINPREAADHHAETFPKLIKEAFEVVDKNEIDLIAFSQGP
GLGPSLRVTATVARTLSLTLKKPIIGVNHCIAHIEIGKLTTEAEDPLTLYVSGGNTQVIAYVSKKYRVFGETLDIAVGNC
LDQFARYVNLPHPGGPYIEELARKGKKLVDLPYTVKGMDIAFSGLLTAAMRAYDAGERLEDICYSLQEYAFSMLTEITER
ALAHTNKGEVMLVGGVAANNRLREMLKAMCEGQNVDFYVPPKEFCGDNGAMIAWLGLLMHKNGRWMSLDETKIIPNYRTD
MVEVNWI
;
K
4 'polypeptide(L)'
;MKAKRVQAKIEIEFPSEDVAKVVYEAVLYEHLSVPYRRSEIDFKLEGKKIILDIKATDSSALRGTVNSYLRWIKAAIDVI
EV
;
P
5 'polyribonucleotide' GGGCCCGUAGCUCAGUCUGGCAGAGCGCCUGGCUUUUAACCAGGUGGUCGAGGGUUCAAAUCCCUUCGGGCCCGCCA T
#
# COMPACT_ATOMS: atom_id res chain seq x y z
N ALA A 13 1.29 -17.65 0.37
CA ALA A 13 -0.12 -17.55 0.74
C ALA A 13 -0.96 -18.53 -0.10
N ASP A 14 -0.31 -19.59 -0.57
CA ASP A 14 -1.01 -20.60 -1.36
C ASP A 14 -2.07 -21.30 -0.50
N ILE A 15 -3.18 -21.66 -1.14
CA ILE A 15 -4.31 -22.29 -0.48
C ILE A 15 -4.55 -23.66 -1.10
N LYS A 16 -4.66 -24.67 -0.26
CA LYS A 16 -4.97 -26.04 -0.68
C LYS A 16 -6.27 -26.47 -0.02
N ARG A 17 -7.22 -26.94 -0.84
CA ARG A 17 -8.52 -27.36 -0.37
C ARG A 17 -8.54 -28.88 -0.22
N ASP A 18 -8.78 -29.37 0.99
CA ASP A 18 -8.88 -30.80 1.24
C ASP A 18 -10.20 -31.09 1.95
N SER A 19 -10.71 -32.30 1.73
CA SER A 19 -11.98 -32.75 2.29
C SER A 19 -11.68 -33.84 3.32
N TYR A 20 -11.42 -33.41 4.54
CA TYR A 20 -11.27 -34.34 5.65
C TYR A 20 -12.61 -35.00 5.95
N LEU A 21 -12.57 -36.21 6.50
CA LEU A 21 -13.78 -37.03 6.58
C LEU A 21 -14.89 -36.35 7.38
N ASP A 22 -14.57 -35.40 8.25
CA ASP A 22 -15.57 -34.57 8.90
C ASP A 22 -15.22 -33.09 8.86
N PHE A 23 -14.11 -32.71 8.24
CA PHE A 23 -13.65 -31.33 8.16
C PHE A 23 -13.50 -30.91 6.71
N ASP A 24 -13.91 -29.68 6.40
CA ASP A 24 -13.71 -29.10 5.07
C ASP A 24 -12.56 -28.10 5.18
N VAL A 25 -11.34 -28.60 5.05
CA VAL A 25 -10.17 -27.83 5.44
C VAL A 25 -9.62 -27.08 4.24
N ILE A 26 -9.12 -25.87 4.50
CA ILE A 26 -8.34 -25.10 3.55
C ILE A 26 -7.06 -24.69 4.26
N ILE A 27 -5.92 -25.16 3.76
CA ILE A 27 -4.62 -24.86 4.33
C ILE A 27 -4.02 -23.71 3.55
N LYS A 28 -3.82 -22.58 4.22
CA LYS A 28 -3.21 -21.40 3.64
C LYS A 28 -1.82 -21.24 4.24
N GLU A 29 -0.80 -21.36 3.40
CA GLU A 29 0.58 -21.22 3.81
C GLU A 29 1.17 -19.94 3.22
N ARG A 30 1.98 -19.24 4.00
CA ARG A 30 2.57 -17.98 3.55
C ARG A 30 3.95 -18.27 2.99
N VAL A 31 4.02 -18.44 1.67
CA VAL A 31 5.28 -18.77 1.02
C VAL A 31 6.27 -17.64 1.22
N LYS A 32 7.53 -18.01 1.47
CA LYS A 32 8.57 -17.02 1.66
C LYS A 32 8.81 -16.24 0.37
N LYS A 33 9.25 -14.99 0.52
CA LYS A 33 9.49 -14.09 -0.59
C LYS A 33 10.99 -13.97 -0.81
N GLY A 34 11.46 -14.40 -1.98
CA GLY A 34 12.89 -14.40 -2.25
C GLY A 34 13.50 -13.01 -2.25
N TYR A 35 12.74 -12.01 -2.68
CA TYR A 35 13.26 -10.66 -2.79
C TYR A 35 13.57 -10.02 -1.44
N ARG A 36 13.08 -10.60 -0.35
CA ARG A 36 13.26 -10.04 0.98
C ARG A 36 14.28 -10.86 1.77
N ASP A 37 14.90 -10.22 2.74
CA ASP A 37 15.83 -10.90 3.63
C ASP A 37 15.13 -12.05 4.34
N GLU A 38 15.79 -13.21 4.36
CA GLU A 38 15.20 -14.39 4.98
C GLU A 38 14.89 -14.14 6.45
N ARG A 39 15.69 -13.32 7.13
CA ARG A 39 15.38 -12.96 8.52
C ARG A 39 14.07 -12.19 8.60
N LEU A 40 13.99 -11.07 7.88
CA LEU A 40 12.75 -10.30 7.84
C LEU A 40 11.62 -11.10 7.21
N ASP A 41 11.93 -11.95 6.22
CA ASP A 41 10.89 -12.78 5.63
C ASP A 41 10.23 -13.67 6.68
N GLU A 42 11.05 -14.43 7.42
CA GLU A 42 10.49 -15.31 8.44
C GLU A 42 9.75 -14.51 9.50
N ASN A 43 10.34 -13.40 9.95
CA ASN A 43 9.68 -12.58 10.97
C ASN A 43 8.31 -12.12 10.50
N ILE A 44 8.22 -11.62 9.27
CA ILE A 44 6.97 -11.04 8.82
C ILE A 44 5.95 -12.12 8.50
N ARG A 45 6.35 -13.26 7.94
CA ARG A 45 5.38 -14.33 7.74
C ARG A 45 4.83 -14.82 9.06
N LYS A 46 5.69 -14.99 10.07
CA LYS A 46 5.21 -15.43 11.37
C LYS A 46 4.25 -14.43 12.00
N SER A 47 4.66 -13.16 12.07
CA SER A 47 3.78 -12.16 12.68
C SER A 47 2.49 -12.00 11.90
N ARG A 48 2.56 -12.13 10.57
CA ARG A 48 1.39 -11.92 9.74
C ARG A 48 0.39 -13.07 9.87
N THR A 49 0.87 -14.32 9.87
CA THR A 49 -0.07 -15.42 10.08
C THR A 49 -0.66 -15.38 11.48
N ALA A 50 0.14 -14.98 12.48
CA ALA A 50 -0.39 -14.85 13.83
C ALA A 50 -1.50 -13.82 13.89
N ARG A 51 -1.24 -12.63 13.33
CA ARG A 51 -2.25 -11.56 13.36
C ARG A 51 -3.47 -11.96 12.54
N GLU A 52 -3.29 -12.59 11.38
CA GLU A 52 -4.42 -13.00 10.57
C GLU A 52 -5.31 -13.97 11.32
N ALA A 53 -4.71 -15.00 11.93
CA ALA A 53 -5.51 -15.96 12.70
C ALA A 53 -6.24 -15.28 13.84
N ARG A 54 -5.52 -14.49 14.63
CA ARG A 54 -6.13 -13.88 15.81
C ARG A 54 -7.26 -12.94 15.43
N TYR A 55 -7.06 -12.12 14.40
CA TYR A 55 -8.07 -11.12 14.04
C TYR A 55 -9.25 -11.75 13.32
N LEU A 56 -9.00 -12.70 12.41
CA LEU A 56 -10.09 -13.37 11.73
C LEU A 56 -10.91 -14.20 12.71
N ALA A 57 -10.32 -14.59 13.84
CA ALA A 57 -11.11 -15.25 14.88
C ALA A 57 -11.86 -14.23 15.73
N LEU A 58 -11.21 -13.14 16.12
CA LEU A 58 -11.83 -12.13 16.96
C LEU A 58 -12.98 -11.43 16.26
N VAL A 59 -13.00 -11.43 14.92
CA VAL A 59 -14.10 -10.78 14.21
C VAL A 59 -15.39 -11.59 14.38
N LYS A 60 -15.28 -12.89 14.68
CA LYS A 60 -16.47 -13.67 14.99
C LYS A 60 -17.16 -13.16 16.24
N ASP A 61 -16.39 -12.63 17.20
CA ASP A 61 -16.98 -12.03 18.40
C ASP A 61 -17.90 -10.88 18.05
N PHE A 62 -17.72 -10.28 16.87
CA PHE A 62 -18.53 -9.15 16.44
C PHE A 62 -19.89 -9.59 15.91
N GLY A 63 -20.04 -10.87 15.58
CA GLY A 63 -21.15 -11.34 14.77
C GLY A 63 -20.88 -11.29 13.28
N ILE A 64 -19.76 -10.70 12.86
CA ILE A 64 -19.41 -10.60 11.46
C ILE A 64 -19.02 -11.99 10.95
N PRO A 65 -19.71 -12.53 9.95
CA PRO A 65 -19.37 -13.86 9.46
C PRO A 65 -17.96 -13.92 8.91
N ALA A 66 -17.28 -15.03 9.22
CA ALA A 66 -15.89 -15.24 8.83
C ALA A 66 -15.63 -16.74 8.83
N PRO A 67 -14.65 -17.22 8.06
CA PRO A 67 -14.36 -18.66 8.08
C PRO A 67 -13.91 -19.11 9.45
N TYR A 68 -14.29 -20.33 9.81
CA TYR A 68 -13.83 -20.92 11.06
C TYR A 68 -12.38 -21.37 10.91
N ILE A 69 -11.65 -21.28 12.00
CA ILE A 69 -10.25 -21.69 12.04
C ILE A 69 -10.16 -23.06 12.69
N PHE A 70 -9.68 -24.05 11.93
CA PHE A 70 -9.50 -25.38 12.49
C PHE A 70 -8.21 -25.51 13.28
N ASP A 71 -7.13 -24.92 12.80
CA ASP A 71 -5.87 -24.88 13.55
C ASP A 71 -4.90 -23.93 12.86
N VAL A 72 -3.84 -23.56 13.59
CA VAL A 72 -2.78 -22.71 13.10
C VAL A 72 -1.43 -23.30 13.52
N ASP A 73 -0.37 -22.84 12.86
CA ASP A 73 0.99 -23.17 13.31
C ASP A 73 1.94 -22.10 12.80
N LEU A 74 2.44 -21.27 13.73
CA LEU A 74 3.35 -20.19 13.38
C LEU A 74 4.69 -20.72 12.87
N ASP A 75 5.20 -21.79 13.49
CA ASP A 75 6.49 -22.33 13.08
C ASP A 75 6.46 -22.79 11.63
N ASN A 76 5.37 -23.44 11.21
CA ASN A 76 5.19 -23.82 9.82
C ASN A 76 4.47 -22.71 9.05
N LYS A 77 4.18 -21.59 9.72
CA LYS A 77 3.50 -20.42 9.16
C LYS A 77 2.35 -20.81 8.24
N ARG A 78 1.39 -21.54 8.83
CA ARG A 78 0.21 -21.96 8.09
C ARG A 78 -1.02 -21.77 8.97
N ILE A 79 -2.16 -21.58 8.31
CA ILE A 79 -3.46 -21.59 8.97
C ILE A 79 -4.39 -22.49 8.17
N MET A 80 -4.95 -23.50 8.81
CA MET A 80 -5.91 -24.40 8.17
C MET A 80 -7.28 -24.10 8.75
N MET A 81 -8.17 -23.61 7.91
CA MET A 81 -9.45 -23.02 8.28
C MET A 81 -10.60 -23.77 7.60
N SER A 82 -11.81 -23.29 7.84
CA SER A 82 -12.98 -23.85 7.20
C SER A 82 -13.13 -23.30 5.79
N TYR A 83 -13.04 -24.18 4.80
CA TYR A 83 -13.15 -23.76 3.40
C TYR A 83 -14.60 -23.39 3.06
N ILE A 84 -14.74 -22.41 2.17
CA ILE A 84 -16.03 -21.97 1.68
C ILE A 84 -16.04 -22.14 0.16
N ASN A 85 -17.08 -22.80 -0.35
CA ASN A 85 -17.20 -23.06 -1.78
C ASN A 85 -18.07 -21.96 -2.41
N GLY A 86 -17.53 -20.74 -2.37
CA GLY A 86 -18.20 -19.58 -2.93
C GLY A 86 -17.35 -18.89 -3.98
N LYS A 87 -17.81 -17.71 -4.38
CA LYS A 87 -17.14 -16.90 -5.39
C LYS A 87 -16.74 -15.55 -4.81
N LEU A 88 -15.77 -14.92 -5.47
CA LEU A 88 -15.21 -13.67 -5.00
C LEU A 88 -16.25 -12.55 -5.04
N ALA A 89 -16.00 -11.52 -4.23
CA ALA A 89 -16.91 -10.37 -4.19
C ALA A 89 -16.97 -9.65 -5.53
N LYS A 90 -15.80 -9.45 -6.16
CA LYS A 90 -15.76 -8.70 -7.42
C LYS A 90 -16.51 -9.44 -8.52
N ASP A 91 -16.37 -10.77 -8.57
CA ASP A 91 -17.06 -11.55 -9.58
C ASP A 91 -18.57 -11.58 -9.39
N VAL A 92 -19.08 -11.14 -8.24
CA VAL A 92 -20.51 -11.14 -7.98
C VAL A 92 -21.07 -9.75 -7.72
N ILE A 93 -20.27 -8.80 -7.25
CA ILE A 93 -20.78 -7.45 -7.01
C ILE A 93 -21.22 -6.78 -8.31
N GLU A 94 -20.67 -7.19 -9.45
CA GLU A 94 -21.10 -6.64 -10.73
C GLU A 94 -22.56 -6.99 -11.01
N ASP A 95 -22.96 -8.21 -10.69
CA ASP A 95 -24.33 -8.67 -10.91
C ASP A 95 -25.20 -8.54 -9.66
N ASN A 96 -24.68 -7.98 -8.57
CA ASN A 96 -25.44 -7.84 -7.33
C ASN A 96 -24.87 -6.67 -6.55
N LEU A 97 -25.66 -5.61 -6.38
CA LEU A 97 -25.19 -4.40 -5.71
C LEU A 97 -25.50 -4.41 -4.22
N ASP A 98 -26.21 -5.42 -3.71
CA ASP A 98 -26.55 -5.44 -2.29
C ASP A 98 -25.36 -5.83 -1.42
N ILE A 99 -24.41 -6.58 -1.97
CA ILE A 99 -23.27 -6.97 -1.16
C ILE A 99 -22.38 -5.79 -0.84
N ALA A 100 -22.50 -4.68 -1.57
CA ALA A 100 -21.85 -3.45 -1.11
C ALA A 100 -22.48 -2.95 0.19
N TYR A 101 -23.81 -3.02 0.28
CA TYR A 101 -24.48 -2.69 1.54
C TYR A 101 -24.05 -3.65 2.64
N LYS A 102 -23.91 -4.94 2.31
CA LYS A 102 -23.46 -5.90 3.30
C LYS A 102 -22.01 -5.65 3.73
N ILE A 103 -21.16 -5.21 2.80
CA ILE A 103 -19.80 -4.82 3.14
C ILE A 103 -19.83 -3.64 4.09
N GLY A 104 -20.68 -2.66 3.83
CA GLY A 104 -20.86 -1.57 4.78
C GLY A 104 -21.28 -2.07 6.14
N GLU A 105 -22.22 -3.02 6.17
CA GLU A 105 -22.66 -3.63 7.42
C GLU A 105 -21.49 -4.23 8.19
N ILE A 106 -20.82 -5.21 7.60
CA ILE A 106 -19.79 -5.96 8.31
C ILE A 106 -18.48 -5.18 8.45
N VAL A 107 -18.38 -3.99 7.86
CA VAL A 107 -17.25 -3.14 8.15
C VAL A 107 -17.59 -2.12 9.25
N GLY A 108 -18.88 -1.79 9.42
CA GLY A 108 -19.25 -0.84 10.46
C GLY A 108 -18.86 -1.30 11.85
N LYS A 109 -19.28 -2.51 12.23
CA LYS A 109 -18.92 -3.04 13.54
C LYS A 109 -17.41 -3.29 13.64
N LEU A 110 -16.81 -3.76 12.55
CA LEU A 110 -15.38 -4.06 12.52
C LEU A 110 -14.58 -2.81 12.84
N HIS A 111 -14.96 -1.68 12.26
CA HIS A 111 -14.34 -0.39 12.57
C HIS A 111 -14.77 0.14 13.93
N LYS A 112 -15.99 -0.21 14.36
CA LYS A 112 -16.48 0.25 15.65
C LYS A 112 -15.64 -0.30 16.80
N ASN A 113 -15.29 -1.58 16.74
CA ASN A 113 -14.46 -2.17 17.77
C ASN A 113 -12.98 -1.83 17.62
N ASP A 114 -12.64 -0.94 16.68
CA ASP A 114 -11.30 -0.38 16.53
C ASP A 114 -10.28 -1.43 16.09
N VAL A 115 -10.71 -2.40 15.31
CA VAL A 115 -9.82 -3.33 14.61
C VAL A 115 -9.90 -3.02 13.12
N ILE A 116 -8.74 -2.81 12.51
CA ILE A 116 -8.64 -2.26 11.17
C ILE A 116 -8.13 -3.34 10.22
N HIS A 117 -8.86 -3.53 9.11
CA HIS A 117 -8.42 -4.36 8.00
C HIS A 117 -7.77 -3.43 6.99
N ASN A 118 -6.44 -3.32 7.05
CA ASN A 118 -5.72 -2.36 6.23
C ASN A 118 -5.61 -2.83 4.79
N ASP A 119 -6.37 -3.86 4.43
CA ASP A 119 -6.39 -4.38 3.07
C ASP A 119 -7.82 -4.50 2.56
N LEU A 120 -8.71 -3.62 3.03
CA LEU A 120 -10.11 -3.68 2.64
C LEU A 120 -10.25 -3.47 1.13
N THR A 121 -11.03 -4.34 0.49
CA THR A 121 -11.25 -4.29 -0.94
C THR A 121 -12.60 -4.93 -1.25
N THR A 122 -12.84 -5.19 -2.52
CA THR A 122 -14.03 -5.89 -2.97
C THR A 122 -13.60 -7.17 -3.70
N SER A 123 -12.49 -7.75 -3.24
CA SER A 123 -11.97 -8.99 -3.81
C SER A 123 -11.85 -10.13 -2.80
N ASN A 124 -11.92 -9.86 -1.51
CA ASN A 124 -11.79 -10.87 -0.47
C ASN A 124 -13.01 -10.90 0.44
N PHE A 125 -14.20 -10.83 -0.16
CA PHE A 125 -15.46 -10.91 0.57
C PHE A 125 -16.32 -11.96 -0.14
N ILE A 126 -16.14 -13.23 0.25
CA ILE A 126 -16.76 -14.31 -0.49
C ILE A 126 -18.26 -14.34 -0.26
N PHE A 127 -19.01 -14.64 -1.33
CA PHE A 127 -20.46 -14.76 -1.24
C PHE A 127 -20.85 -16.17 -1.69
N ASP A 128 -21.02 -17.07 -0.73
CA ASP A 128 -21.55 -18.40 -0.99
C ASP A 128 -22.98 -18.54 -0.47
N LYS A 129 -23.20 -18.19 0.80
CA LYS A 129 -24.54 -18.11 1.36
C LYS A 129 -24.69 -16.77 2.07
N ASP A 130 -23.56 -16.20 2.50
CA ASP A 130 -23.52 -14.89 3.11
C ASP A 130 -22.20 -14.23 2.71
N LEU A 131 -21.87 -13.12 3.37
CA LEU A 131 -20.67 -12.35 3.05
C LEU A 131 -19.59 -12.68 4.07
N TYR A 132 -18.57 -13.41 3.62
CA TYR A 132 -17.47 -13.86 4.47
C TYR A 132 -16.26 -12.98 4.25
N ILE A 133 -15.70 -12.46 5.35
CA ILE A 133 -14.50 -11.63 5.34
C ILE A 133 -13.32 -12.57 5.60
N ILE A 134 -12.71 -13.05 4.52
CA ILE A 134 -11.86 -14.23 4.59
C ILE A 134 -10.39 -13.88 4.69
N ASP A 135 -10.06 -12.62 4.95
CA ASP A 135 -8.66 -12.22 4.91
C ASP A 135 -8.42 -11.02 5.80
N PHE A 136 -7.74 -11.23 6.93
CA PHE A 136 -7.11 -10.15 7.69
C PHE A 136 -5.60 -10.32 7.69
N GLY A 137 -5.03 -10.63 6.53
CA GLY A 137 -3.59 -10.76 6.40
C GLY A 137 -2.83 -9.54 6.85
N LEU A 138 -3.51 -8.43 7.10
CA LEU A 138 -2.87 -7.24 7.64
C LEU A 138 -3.71 -6.59 8.73
N GLY A 139 -4.53 -7.37 9.42
CA GLY A 139 -5.36 -6.81 10.48
C GLY A 139 -4.51 -6.18 11.58
N LYS A 140 -5.09 -5.18 12.23
CA LYS A 140 -4.40 -4.46 13.29
C LYS A 140 -5.39 -4.00 14.35
N ILE A 141 -4.88 -3.72 15.54
CA ILE A 141 -5.64 -3.02 16.58
C ILE A 141 -5.11 -1.60 16.70
N SER A 142 -6.00 -0.63 16.59
CA SER A 142 -5.62 0.77 16.77
C SER A 142 -6.88 1.59 16.96
N ASN A 143 -6.78 2.60 17.82
CA ASN A 143 -7.83 3.59 17.99
C ASN A 143 -7.59 4.82 17.13
N LEU A 144 -6.51 4.83 16.34
CA LEU A 144 -6.15 6.01 15.56
C LEU A 144 -7.15 6.25 14.45
N ASP A 145 -7.69 7.47 14.41
CA ASP A 145 -8.61 7.83 13.33
C ASP A 145 -7.91 7.89 11.98
N ARG A 146 -6.60 8.20 11.98
CA ARG A 146 -5.86 8.24 10.72
C ARG A 146 -5.78 6.88 10.07
N ASP A 147 -5.56 5.82 10.87
CA ASP A 147 -5.51 4.47 10.31
C ASP A 147 -6.86 4.07 9.72
N LYS A 148 -7.94 4.41 10.42
CA LYS A 148 -9.27 4.13 9.89
C LYS A 148 -9.52 4.90 8.60
N ALA A 149 -9.11 6.16 8.56
CA ALA A 149 -9.30 6.97 7.37
C ALA A 149 -8.52 6.41 6.19
N VAL A 150 -7.27 6.00 6.41
CA VAL A 150 -6.48 5.47 5.31
C VAL A 150 -7.00 4.11 4.88
N ASP A 151 -7.57 3.34 5.81
CA ASP A 151 -8.24 2.10 5.43
C ASP A 151 -9.43 2.38 4.52
N LEU A 152 -10.23 3.38 4.86
CA LEU A 152 -11.34 3.77 4.00
C LEU A 152 -10.83 4.24 2.63
N ILE A 153 -9.73 4.98 2.63
CA ILE A 153 -9.14 5.46 1.38
C ILE A 153 -8.70 4.29 0.52
N VAL A 154 -8.08 3.28 1.13
CA VAL A 154 -7.64 2.11 0.39
C VAL A 154 -8.84 1.38 -0.20
N PHE A 155 -9.91 1.22 0.59
CA PHE A 155 -11.09 0.55 0.06
C PHE A 155 -11.68 1.33 -1.10
N LYS A 156 -11.74 2.67 -0.99
CA LYS A 156 -12.28 3.49 -2.07
C LYS A 156 -11.42 3.39 -3.31
N LYS A 157 -10.09 3.40 -3.14
CA LYS A 157 -9.19 3.26 -4.28
C LYS A 157 -9.38 1.90 -4.95
N ALA A 158 -9.55 0.85 -4.16
CA ALA A 158 -9.75 -0.48 -4.73
C ALA A 158 -11.04 -0.55 -5.52
N VAL A 159 -12.13 -0.02 -4.94
CA VAL A 159 -13.40 -0.07 -5.67
C VAL A 159 -13.35 0.79 -6.91
N LEU A 160 -12.64 1.92 -6.86
CA LEU A 160 -12.40 2.71 -8.07
C LEU A 160 -11.71 1.86 -9.13
N SER A 161 -10.49 1.40 -8.83
CA SER A 161 -9.68 0.72 -9.82
C SER A 161 -10.31 -0.59 -10.28
N THR A 162 -11.30 -1.10 -9.55
CA THR A 162 -11.96 -2.34 -9.98
C THR A 162 -13.25 -2.10 -10.75
N HIS A 163 -14.09 -1.17 -10.32
CA HIS A 163 -15.41 -0.96 -10.92
C HIS A 163 -15.69 0.52 -11.12
N HIS A 164 -14.74 1.24 -11.71
CA HIS A 164 -14.93 2.64 -12.10
C HIS A 164 -16.28 2.92 -12.73
N GLU A 165 -16.81 1.96 -13.48
CA GLU A 165 -18.09 2.16 -14.16
C GLU A 165 -19.24 2.41 -13.19
N LYS A 166 -19.18 1.82 -11.98
CA LYS A 166 -20.26 1.95 -11.02
C LYS A 166 -19.81 2.46 -9.66
N PHE A 167 -18.55 2.93 -9.57
CA PHE A 167 -17.99 3.46 -8.34
C PHE A 167 -18.96 4.29 -7.51
N ASP A 168 -19.66 5.23 -8.15
CA ASP A 168 -20.51 6.13 -7.39
C ASP A 168 -21.60 5.38 -6.63
N GLU A 169 -22.36 4.54 -7.35
CA GLU A 169 -23.45 3.81 -6.70
C GLU A 169 -22.91 2.79 -5.71
N ILE A 170 -21.80 2.13 -6.04
CA ILE A 170 -21.24 1.12 -5.14
C ILE A 170 -20.80 1.76 -3.83
N TRP A 171 -20.08 2.88 -3.92
CA TRP A 171 -19.64 3.56 -2.71
C TRP A 171 -20.81 4.13 -1.93
N GLU A 172 -21.84 4.63 -2.62
CA GLU A 172 -23.00 5.15 -1.91
C GLU A 172 -23.71 4.06 -1.14
N ARG A 173 -23.90 2.88 -1.75
CA ARG A 173 -24.54 1.77 -1.04
C ARG A 173 -23.68 1.29 0.12
N PHE A 174 -22.36 1.20 -0.10
CA PHE A 174 -21.46 0.83 0.99
C PHE A 174 -21.56 1.80 2.15
N LEU A 175 -21.60 3.10 1.85
CA LEU A 175 -21.69 4.10 2.90
C LEU A 175 -23.04 4.04 3.60
N GLU A 176 -24.11 3.75 2.85
CA GLU A 176 -25.43 3.59 3.47
C GLU A 176 -25.41 2.45 4.47
N GLY A 177 -24.89 1.29 4.07
CA GLY A 177 -24.79 0.18 5.00
C GLY A 177 -23.91 0.52 6.20
N TYR A 178 -22.78 1.17 5.95
CA TYR A 178 -21.84 1.50 7.02
C TYR A 178 -22.49 2.45 8.04
N LYS A 179 -23.16 3.50 7.55
CA LYS A 179 -23.83 4.42 8.46
C LYS A 179 -25.03 3.77 9.14
N SER A 180 -25.63 2.76 8.49
CA SER A 180 -26.67 2.00 9.15
C SER A 180 -26.13 1.24 10.36
N VAL A 181 -24.93 0.66 10.22
CA VAL A 181 -24.37 -0.13 11.31
C VAL A 181 -23.43 0.69 12.20
N TYR A 182 -22.70 1.64 11.63
CA TYR A 182 -21.79 2.49 12.40
C TYR A 182 -22.37 3.89 12.53
N ASP A 183 -22.14 4.51 13.70
CA ASP A 183 -22.78 5.78 14.01
C ASP A 183 -21.85 6.98 13.92
N ARG A 184 -20.54 6.79 14.08
CA ARG A 184 -19.57 7.88 13.99
C ARG A 184 -18.99 8.03 12.58
N TRP A 185 -19.76 7.67 11.56
CA TRP A 185 -19.28 7.69 10.18
C TRP A 185 -18.96 9.10 9.69
N GLU A 186 -19.59 10.14 10.24
CA GLU A 186 -19.41 11.48 9.73
C GLU A 186 -17.96 11.96 9.89
N ILE A 187 -17.36 11.71 11.06
CA ILE A 187 -16.02 12.21 11.32
C ILE A 187 -15.00 11.46 10.47
N ILE A 188 -15.17 10.15 10.30
CA ILE A 188 -14.22 9.42 9.47
C ILE A 188 -14.40 9.78 8.01
N LEU A 189 -15.62 10.09 7.57
CA LEU A 189 -15.80 10.56 6.19
C LEU A 189 -15.13 11.92 5.97
N GLU A 190 -15.29 12.84 6.92
CA GLU A 190 -14.64 14.14 6.73
C GLU A 190 -13.12 14.01 6.79
N LEU A 191 -12.60 13.11 7.62
CA LEU A 191 -11.17 12.83 7.59
C LEU A 191 -10.76 12.21 6.27
N MET A 192 -11.62 11.34 5.70
CA MET A 192 -11.38 10.79 4.37
C MET A 192 -11.22 11.90 3.34
N LYS A 193 -12.15 12.86 3.35
CA LYS A 193 -12.04 13.98 2.41
C LYS A 193 -10.78 14.81 2.67
N ASP A 194 -10.44 15.02 3.95
CA ASP A 194 -9.29 15.85 4.25
C ASP A 194 -7.96 15.18 3.91
N VAL A 195 -7.91 13.85 3.92
CA VAL A 195 -6.64 13.14 3.74
C VAL A 195 -6.47 12.71 2.29
N GLU A 196 -7.55 12.32 1.62
CA GLU A 196 -7.42 11.89 0.23
C GLU A 196 -6.94 13.01 -0.69
N ARG A 197 -7.07 14.27 -0.26
CA ARG A 197 -6.64 15.43 -1.03
C ARG A 197 -5.18 15.77 -0.78
N ARG A 198 -4.54 15.08 0.16
CA ARG A 198 -3.14 15.33 0.51
C ARG A 198 -2.22 14.80 -0.60
N ALA A 199 -2.14 15.58 -1.69
CA ALA A 199 -1.28 15.24 -2.81
C ALA A 199 -0.12 16.21 -2.96
N ARG A 200 -0.39 17.50 -3.16
CA ARG A 200 0.63 18.51 -3.36
C ARG A 200 0.05 19.86 -2.96
N TYR A 201 0.75 20.93 -3.33
CA TYR A 201 0.31 22.29 -3.05
C TYR A 201 -0.34 22.92 -4.27
N MET B 1 -1.72 -46.73 14.72
CA MET B 1 -1.91 -46.02 15.98
C MET B 1 -3.07 -46.61 16.78
N ASP B 2 -2.98 -46.56 18.09
CA ASP B 2 -4.04 -47.08 18.94
C ASP B 2 -5.18 -46.08 19.01
N PRO B 3 -6.40 -46.45 18.61
CA PRO B 3 -7.53 -45.53 18.69
C PRO B 3 -7.89 -45.24 20.15
N MET B 4 -7.72 -43.97 20.55
CA MET B 4 -8.03 -43.58 21.92
C MET B 4 -9.52 -43.77 22.19
N ILE B 5 -9.84 -44.14 23.44
CA ILE B 5 -11.20 -44.45 23.84
C ILE B 5 -11.74 -43.31 24.68
N ILE B 6 -12.88 -42.77 24.26
CA ILE B 6 -13.58 -41.71 24.96
C ILE B 6 -14.96 -42.22 25.36
N ARG B 7 -15.32 -42.04 26.63
CA ARG B 7 -16.57 -42.57 27.17
C ARG B 7 -17.27 -41.51 27.98
N GLY B 8 -18.56 -41.32 27.72
CA GLY B 8 -19.38 -40.43 28.51
C GLY B 8 -20.19 -41.20 29.55
N ILE B 9 -19.84 -41.04 30.81
CA ILE B 9 -20.43 -41.82 31.90
C ILE B 9 -21.34 -40.91 32.71
N ARG B 10 -22.62 -41.26 32.78
CA ARG B 10 -23.57 -40.56 33.65
C ARG B 10 -23.49 -41.13 35.06
N GLY B 11 -23.85 -40.30 36.04
CA GLY B 11 -23.79 -40.72 37.42
C GLY B 11 -22.36 -40.88 37.89
N ALA B 12 -21.64 -39.76 37.99
CA ALA B 12 -20.22 -39.76 38.30
C ALA B 12 -19.99 -39.59 39.80
N ARG B 13 -18.88 -40.17 40.27
CA ARG B 13 -18.43 -40.02 41.64
C ARG B 13 -16.99 -39.52 41.63
N ILE B 14 -16.73 -38.43 42.35
CA ILE B 14 -15.41 -37.84 42.37
C ILE B 14 -14.50 -38.66 43.28
N ASN B 15 -13.34 -39.05 42.76
CA ASN B 15 -12.37 -39.82 43.53
C ASN B 15 -10.97 -39.36 43.11
N ASN B 16 -10.32 -38.57 43.96
CA ASN B 16 -8.99 -38.07 43.64
C ASN B 16 -7.97 -39.19 43.55
N GLU B 17 -8.15 -40.26 44.31
CA GLU B 17 -7.15 -41.32 44.38
C GLU B 17 -6.88 -41.97 43.02
N ILE B 18 -7.84 -41.93 42.10
CA ILE B 18 -7.61 -42.48 40.77
C ILE B 18 -6.43 -41.77 40.12
N PHE B 19 -6.35 -40.45 40.28
CA PHE B 19 -5.24 -39.69 39.71
C PHE B 19 -3.90 -40.08 40.32
N ASN B 20 -3.92 -40.71 41.50
CA ASN B 20 -2.70 -41.21 42.14
C ASN B 20 -2.43 -42.67 41.81
N LEU B 21 -3.24 -43.29 40.96
CA LEU B 21 -3.07 -44.69 40.61
C LEU B 21 -2.06 -44.90 39.48
N GLY B 22 -1.48 -43.83 38.95
CA GLY B 22 -0.56 -43.96 37.83
C GLY B 22 -1.23 -44.44 36.55
N LEU B 23 -2.39 -43.90 36.24
CA LEU B 23 -3.16 -44.30 35.07
C LEU B 23 -3.13 -43.18 34.03
N LYS B 24 -2.87 -43.54 32.78
CA LYS B 24 -2.79 -42.57 31.70
C LYS B 24 -4.19 -42.33 31.15
N PHE B 25 -4.83 -41.26 31.60
CA PHE B 25 -6.19 -40.93 31.20
C PHE B 25 -6.45 -39.47 31.53
N GLN B 26 -7.66 -39.00 31.19
CA GLN B 26 -8.10 -37.67 31.57
C GLN B 26 -9.61 -37.65 31.68
N ILE B 27 -10.11 -36.96 32.70
CA ILE B 27 -11.54 -36.89 32.98
C ILE B 27 -11.96 -35.42 32.96
N LEU B 28 -13.08 -35.14 32.30
CA LEU B 28 -13.58 -33.78 32.14
C LEU B 28 -15.08 -33.78 32.34
N ASN B 29 -15.66 -32.57 32.42
CA ASN B 29 -17.10 -32.42 32.55
C ASN B 29 -17.75 -32.72 31.21
N ALA B 30 -18.58 -33.77 31.18
CA ALA B 30 -19.19 -34.21 29.92
C ALA B 30 -20.21 -33.22 29.37
N ASP B 31 -20.75 -32.34 30.22
CA ASP B 31 -21.72 -31.36 29.76
C ASP B 31 -21.06 -30.14 29.14
N VAL B 32 -19.73 -30.03 29.21
CA VAL B 32 -19.01 -28.91 28.62
C VAL B 32 -18.38 -29.30 27.30
N VAL B 33 -17.90 -30.54 27.17
CA VAL B 33 -17.38 -31.01 25.88
C VAL B 33 -18.51 -31.00 24.87
N ALA B 34 -18.26 -30.35 23.73
CA ALA B 34 -19.31 -30.19 22.73
C ALA B 34 -19.74 -31.52 22.13
N THR B 35 -18.78 -32.30 21.67
CA THR B 35 -19.04 -33.59 21.04
C THR B 35 -17.72 -34.31 20.88
N LYS B 36 -17.72 -35.41 20.12
CA LYS B 36 -16.48 -36.10 19.80
C LYS B 36 -15.52 -35.18 19.05
N LYS B 37 -16.04 -34.18 18.34
CA LYS B 37 -15.18 -33.24 17.64
C LYS B 37 -14.29 -32.48 18.60
N HIS B 38 -14.85 -32.04 19.74
CA HIS B 38 -14.07 -31.28 20.72
C HIS B 38 -12.87 -32.08 21.21
N VAL B 39 -13.12 -33.30 21.69
CA VAL B 39 -12.03 -34.12 22.24
C VAL B 39 -11.07 -34.55 21.14
N LEU B 40 -11.59 -34.84 19.94
CA LEU B 40 -10.71 -35.23 18.84
C LEU B 40 -9.76 -34.10 18.48
N HIS B 41 -10.27 -32.88 18.40
CA HIS B 41 -9.43 -31.72 18.06
C HIS B 41 -8.42 -31.45 19.15
N ALA B 42 -8.84 -31.51 20.42
CA ALA B 42 -7.90 -31.29 21.51
C ALA B 42 -6.79 -32.34 21.51
N ILE B 43 -7.16 -33.61 21.29
CA ILE B 43 -6.17 -34.68 21.25
C ILE B 43 -5.21 -34.48 20.09
N ASN B 44 -5.75 -34.13 18.92
CA ASN B 44 -4.91 -33.95 17.75
C ASN B 44 -3.91 -32.82 17.94
N GLN B 45 -4.35 -31.69 18.51
CA GLN B 45 -3.42 -30.60 18.74
C GLN B 45 -2.39 -30.95 19.81
N ALA B 46 -2.83 -31.57 20.92
CA ALA B 46 -1.87 -31.98 21.94
C ALA B 46 -0.85 -32.96 21.39
N LYS B 47 -1.25 -33.75 20.38
CA LYS B 47 -0.29 -34.62 19.71
C LYS B 47 0.66 -33.81 18.82
N THR B 48 0.14 -32.81 18.11
CA THR B 48 0.96 -32.07 17.14
C THR B 48 1.59 -30.81 17.75
N LYS B 49 0.81 -30.00 18.45
CA LYS B 49 1.30 -28.73 18.97
C LYS B 49 2.36 -28.97 20.04
N LYS B 50 3.27 -27.99 20.17
CA LYS B 50 4.39 -28.12 21.09
C LYS B 50 3.88 -28.27 22.52
N PRO B 51 4.34 -29.27 23.27
CA PRO B 51 3.84 -29.48 24.62
C PRO B 51 4.10 -28.27 25.52
N ILE B 52 3.06 -27.87 26.26
CA ILE B 52 3.17 -26.75 27.18
C ILE B 52 2.80 -27.11 28.61
N ALA B 53 1.99 -28.14 28.83
CA ALA B 53 1.63 -28.55 30.18
C ALA B 53 2.68 -29.49 30.75
N LYS B 54 2.61 -29.68 32.07
CA LYS B 54 3.56 -30.53 32.77
C LYS B 54 3.29 -32.02 32.57
N SER B 55 2.17 -32.38 31.95
CA SER B 55 1.86 -33.78 31.68
C SER B 55 1.04 -33.87 30.40
N PHE B 56 1.30 -34.92 29.61
CA PHE B 56 0.60 -35.08 28.34
C PHE B 56 -0.90 -35.27 28.54
N TRP B 57 -1.27 -36.19 29.45
CA TRP B 57 -2.69 -36.41 29.70
C TRP B 57 -3.30 -35.26 30.49
N MET B 58 -2.48 -34.44 31.13
CA MET B 58 -2.95 -33.16 31.64
C MET B 58 -2.91 -32.09 30.56
N GLU B 59 -2.01 -32.23 29.58
CA GLU B 59 -2.07 -31.37 28.41
C GLU B 59 -3.37 -31.58 27.65
N ILE B 60 -3.98 -32.76 27.75
CA ILE B 60 -5.28 -32.97 27.13
C ILE B 60 -6.31 -32.04 27.76
N LEU B 61 -6.31 -31.94 29.09
CA LEU B 61 -7.19 -30.97 29.77
C LEU B 61 -6.84 -29.55 29.38
N VAL B 62 -5.54 -29.24 29.31
CA VAL B 62 -5.12 -27.89 28.95
C VAL B 62 -5.62 -27.53 27.55
N ARG B 63 -5.61 -28.49 26.64
CA ARG B 63 -6.04 -28.24 25.27
C ARG B 63 -7.55 -28.11 25.19
N ALA B 64 -8.28 -29.12 25.66
CA ALA B 64 -9.74 -29.09 25.59
C ALA B 64 -10.34 -27.96 26.41
N SER B 65 -9.61 -27.42 27.38
CA SER B 65 -10.09 -26.27 28.11
C SER B 65 -9.90 -24.97 27.33
N GLY B 66 -9.13 -25.01 26.24
CA GLY B 66 -8.84 -23.80 25.49
C GLY B 66 -8.01 -22.78 26.24
N GLN B 67 -7.36 -23.17 27.33
CA GLN B 67 -6.61 -22.27 28.17
C GLN B 67 -5.30 -22.93 28.57
N ARG B 68 -4.19 -22.19 28.45
CA ARG B 68 -2.90 -22.70 28.90
C ARG B 68 -2.88 -22.90 30.40
N GLN B 69 -3.54 -22.01 31.14
CA GLN B 69 -3.58 -22.11 32.59
C GLN B 69 -4.19 -23.43 33.02
N ILE B 70 -3.64 -24.02 34.08
CA ILE B 70 -4.13 -25.28 34.63
C ILE B 70 -4.85 -24.99 35.95
N HIS B 71 -4.35 -23.98 36.67
CA HIS B 71 -4.90 -23.64 37.98
C HIS B 71 -6.38 -23.35 37.92
N GLU B 72 -6.85 -22.70 36.85
CA GLU B 72 -8.27 -22.46 36.67
C GLU B 72 -8.92 -23.42 35.68
N ALA B 73 -8.13 -24.08 34.84
CA ALA B 73 -8.68 -25.11 33.96
C ALA B 73 -9.23 -26.28 34.77
N ILE B 74 -8.53 -26.67 35.84
CA ILE B 74 -9.06 -27.69 36.73
C ILE B 74 -10.38 -27.25 37.34
N LYS B 75 -10.48 -25.95 37.66
CA LYS B 75 -11.73 -25.43 38.21
C LYS B 75 -12.85 -25.49 37.19
N ILE B 76 -12.55 -25.17 35.93
CA ILE B 76 -13.60 -24.94 34.94
C ILE B 76 -13.99 -26.18 34.14
N ILE B 77 -13.12 -27.19 34.04
CA ILE B 77 -13.42 -28.36 33.25
C ILE B 77 -13.13 -29.62 34.05
N GLY B 78 -12.90 -29.46 35.35
CA GLY B 78 -12.69 -30.61 36.21
C GLY B 78 -13.92 -31.49 36.29
N ALA B 79 -13.68 -32.75 36.65
CA ALA B 79 -14.77 -33.72 36.71
C ALA B 79 -15.77 -33.33 37.80
N LYS B 80 -17.06 -33.50 37.49
CA LYS B 80 -18.13 -33.20 38.42
C LYS B 80 -19.07 -34.40 38.52
N ASP B 81 -19.63 -34.59 39.71
CA ASP B 81 -20.51 -35.72 39.95
C ASP B 81 -21.78 -35.60 39.10
N GLY B 82 -22.24 -36.75 38.60
CA GLY B 82 -23.46 -36.79 37.80
C GLY B 82 -23.21 -37.17 36.36
N ASN B 83 -22.16 -36.61 35.76
CA ASN B 83 -21.81 -36.91 34.38
C ASN B 83 -20.39 -36.44 34.08
N VAL B 84 -19.58 -37.32 33.48
CA VAL B 84 -18.19 -37.02 33.14
C VAL B 84 -17.85 -37.67 31.81
N CYS B 85 -16.70 -37.28 31.26
CA CYS B 85 -16.18 -37.85 30.03
C CYS B 85 -14.72 -38.22 30.24
N LEU B 86 -14.39 -39.47 29.96
CA LEU B 86 -13.05 -40.01 30.21
C LEU B 86 -12.40 -40.40 28.89
N ILE B 87 -11.15 -39.99 28.71
CA ILE B 87 -10.34 -40.34 27.55
C ILE B 87 -9.12 -41.12 28.03
N CYS B 88 -8.88 -42.27 27.41
CA CYS B 88 -7.80 -43.15 27.85
C CYS B 88 -7.41 -44.07 26.70
N GLU B 89 -6.55 -45.05 27.00
CA GLU B 89 -6.11 -46.01 26.01
C GLU B 89 -6.08 -47.46 26.51
N ASP B 90 -6.17 -47.71 27.81
CA ASP B 90 -6.01 -49.04 28.37
C ASP B 90 -7.35 -49.60 28.83
N GLU B 91 -7.65 -50.83 28.42
CA GLU B 91 -8.88 -51.49 28.85
C GLU B 91 -8.90 -51.71 30.35
N GLU B 92 -7.77 -52.14 30.93
CA GLU B 92 -7.70 -52.32 32.37
C GLU B 92 -7.89 -51.00 33.12
N THR B 93 -7.28 -49.93 32.60
CA THR B 93 -7.48 -48.61 33.20
C THR B 93 -8.94 -48.18 33.08
N PHE B 94 -9.57 -48.45 31.95
CA PHE B 94 -10.99 -48.16 31.78
C PHE B 94 -11.82 -48.90 32.83
N ARG B 95 -11.55 -50.20 33.02
CA ARG B 95 -12.29 -50.98 33.99
C ARG B 95 -12.08 -50.45 35.40
N LYS B 96 -10.84 -50.11 35.75
CA LYS B 96 -10.56 -49.59 37.09
C LYS B 96 -11.28 -48.27 37.34
N ILE B 97 -11.23 -47.37 36.36
CA ILE B 97 -11.91 -46.08 36.51
C ILE B 97 -13.41 -46.27 36.62
N TYR B 98 -13.98 -47.15 35.80
CA TYR B 98 -15.41 -47.40 35.85
C TYR B 98 -15.82 -47.98 37.21
N GLU B 99 -15.01 -48.90 37.74
CA GLU B 99 -15.31 -49.46 39.06
C GLU B 99 -15.22 -48.40 40.15
N LEU B 100 -14.19 -47.54 40.09
CA LEU B 100 -13.99 -46.58 41.16
C LEU B 100 -14.99 -45.43 41.10
N ILE B 101 -15.46 -45.05 39.92
CA ILE B 101 -16.41 -43.96 39.76
C ILE B 101 -17.83 -44.48 39.63
N GLY B 102 -18.07 -45.43 38.75
CA GLY B 102 -19.39 -45.98 38.54
C GLY B 102 -20.22 -45.15 37.58
N GLY B 103 -21.33 -45.73 37.15
CA GLY B 103 -22.25 -45.09 36.25
C GLY B 103 -22.62 -45.99 35.10
N GLU B 104 -23.16 -45.38 34.04
CA GLU B 104 -23.59 -46.08 32.85
C GLU B 104 -22.74 -45.66 31.66
N ILE B 105 -22.47 -46.60 30.77
CA ILE B 105 -21.67 -46.36 29.57
C ILE B 105 -22.63 -45.98 28.45
N ASP B 106 -22.57 -44.72 28.01
CA ASP B 106 -23.40 -44.26 26.91
C ASP B 106 -22.73 -43.06 26.26
N ASP B 107 -22.19 -43.25 25.05
CA ASP B 107 -21.54 -42.15 24.35
C ASP B 107 -22.53 -41.14 23.78
N SER B 108 -23.83 -41.45 23.80
CA SER B 108 -24.83 -40.56 23.24
C SER B 108 -24.86 -39.18 23.90
N VAL B 109 -24.14 -39.00 25.01
CA VAL B 109 -24.03 -37.69 25.62
C VAL B 109 -23.22 -36.72 24.77
N LEU B 110 -22.48 -37.20 23.77
CA LEU B 110 -21.74 -36.30 22.91
C LEU B 110 -22.66 -35.40 22.10
N GLU B 111 -23.93 -35.78 21.93
CA GLU B 111 -24.90 -34.90 21.29
C GLU B 111 -25.11 -33.66 22.15
N ILE B 112 -25.35 -32.53 21.48
CA ILE B 112 -25.47 -31.24 22.15
C ILE B 112 -26.93 -30.85 22.23
N ASN B 113 -27.27 -30.13 23.31
CA ASN B 113 -28.62 -29.67 23.58
C ASN B 113 -28.57 -28.19 23.95
N GLU B 114 -29.76 -27.57 24.02
CA GLU B 114 -29.83 -26.14 24.27
C GLU B 114 -29.20 -25.76 25.60
N ASP B 115 -29.41 -26.59 26.64
CA ASP B 115 -28.73 -26.36 27.90
C ASP B 115 -27.22 -26.51 27.73
N LYS B 116 -26.80 -27.52 26.95
CA LYS B 116 -25.38 -27.67 26.63
C LYS B 116 -24.86 -26.47 25.85
N GLU B 117 -25.66 -25.96 24.91
CA GLU B 117 -25.28 -24.76 24.17
C GLU B 117 -25.02 -23.60 25.11
N ARG B 118 -25.97 -23.33 26.01
CA ARG B 118 -25.83 -22.20 26.93
C ARG B 118 -24.66 -22.40 27.88
N LEU B 119 -24.47 -23.63 28.38
CA LEU B 119 -23.36 -23.90 29.28
C LEU B 119 -22.03 -23.67 28.58
N ILE B 120 -21.90 -24.16 27.34
CA ILE B 120 -20.67 -23.96 26.59
C ILE B 120 -20.43 -22.47 26.36
N ARG B 121 -21.48 -21.74 25.96
CA ARG B 121 -21.31 -20.32 25.68
C ARG B 121 -20.89 -19.54 26.92
N GLU B 122 -21.48 -19.86 28.07
CA GLU B 122 -21.11 -19.15 29.30
C GLU B 122 -19.75 -19.60 29.82
N ILE B 123 -19.29 -20.81 29.48
CA ILE B 123 -17.98 -21.27 29.94
C ILE B 123 -16.87 -20.66 29.09
N PHE B 124 -17.01 -20.72 27.77
CA PHE B 124 -15.97 -20.30 26.85
C PHE B 124 -16.09 -18.83 26.42
N LYS B 125 -17.03 -18.08 27.00
CA LYS B 125 -17.21 -16.66 26.70
C LYS B 125 -17.45 -16.43 25.21
N ILE B 126 -18.26 -17.28 24.60
CA ILE B 126 -18.53 -17.22 23.17
C ILE B 126 -19.77 -16.37 22.94
N ARG B 127 -19.60 -15.27 22.19
CA ARG B 127 -20.69 -14.36 21.85
C ARG B 127 -20.48 -13.89 20.41
N GLY B 128 -21.10 -14.59 19.47
CA GLY B 128 -20.98 -14.23 18.08
C GLY B 128 -21.61 -15.24 17.13
N PHE B 129 -21.84 -14.84 15.89
CA PHE B 129 -22.49 -15.72 14.92
C PHE B 129 -21.57 -16.89 14.57
N GLY B 130 -22.14 -18.09 14.62
CA GLY B 130 -21.41 -19.30 14.32
C GLY B 130 -21.96 -20.51 15.06
N ASN B 131 -22.02 -21.65 14.38
CA ASN B 131 -22.44 -22.88 15.05
C ASN B 131 -21.47 -23.20 16.18
N VAL B 132 -22.04 -23.54 17.34
CA VAL B 132 -21.23 -23.62 18.55
C VAL B 132 -20.22 -24.75 18.49
N VAL B 133 -20.53 -25.85 17.79
CA VAL B 133 -19.59 -26.97 17.73
C VAL B 133 -18.28 -26.53 17.08
N GLU B 134 -18.35 -25.92 15.89
CA GLU B 134 -17.12 -25.51 15.22
C GLU B 134 -16.59 -24.19 15.76
N ARG B 135 -17.43 -23.36 16.37
CA ARG B 135 -16.92 -22.20 17.09
C ARG B 135 -16.03 -22.62 18.24
N VAL B 136 -16.44 -23.65 18.99
CA VAL B 136 -15.60 -24.20 20.05
C VAL B 136 -14.38 -24.90 19.48
N LEU B 137 -14.55 -25.60 18.36
CA LEU B 137 -13.42 -26.16 17.64
C LEU B 137 -12.36 -25.09 17.40
N GLU B 138 -12.79 -23.94 16.88
CA GLU B 138 -11.89 -22.82 16.66
C GLU B 138 -11.31 -22.29 17.97
N LYS B 139 -12.14 -22.15 19.00
CA LYS B 139 -11.65 -21.65 20.29
C LYS B 139 -10.54 -22.53 20.83
N ILE B 140 -10.63 -23.84 20.58
CA ILE B 140 -9.54 -24.76 20.90
C ILE B 140 -8.35 -24.52 19.96
N ALA B 141 -8.63 -24.16 18.71
CA ALA B 141 -7.55 -24.04 17.73
C ALA B 141 -6.54 -22.95 18.09
N LEU B 142 -6.96 -21.89 18.75
CA LEU B 142 -6.12 -20.70 18.95
C LEU B 142 -5.55 -20.60 20.35
N ILE B 143 -5.13 -21.72 20.93
CA ILE B 143 -4.39 -21.65 22.20
C ILE B 143 -3.00 -21.06 21.98
N GLU B 144 -2.35 -21.45 20.87
CA GLU B 144 -0.96 -21.06 20.63
C GLU B 144 -0.83 -19.68 19.99
N LEU B 145 -1.50 -18.69 20.58
CA LEU B 145 -1.35 -17.30 20.20
C LEU B 145 -1.15 -16.46 21.44
N LYS B 146 -0.36 -15.39 21.30
CA LYS B 146 -0.04 -14.52 22.42
C LYS B 146 -1.22 -13.62 22.79
N PRO C 3 12.34 14.12 -40.48
CA PRO C 3 12.32 13.91 -39.03
C PRO C 3 11.83 15.13 -38.25
N MET C 4 10.70 14.98 -37.58
CA MET C 4 10.10 16.08 -36.82
C MET C 4 10.93 16.31 -35.57
N ILE C 5 11.80 17.31 -35.60
CA ILE C 5 12.69 17.59 -34.47
C ILE C 5 11.89 18.31 -33.39
N CYS C 6 11.99 17.83 -32.15
CA CYS C 6 11.28 18.45 -31.05
C CYS C 6 12.23 18.76 -29.90
N LEU C 7 11.94 19.86 -29.21
CA LEU C 7 12.68 20.27 -28.03
C LEU C 7 11.78 20.12 -26.81
N GLY C 8 12.24 19.34 -25.84
CA GLY C 8 11.49 19.08 -24.63
C GLY C 8 12.19 19.62 -23.41
N LEU C 9 11.39 20.04 -22.43
CA LEU C 9 11.91 20.68 -21.23
C LEU C 9 11.34 20.00 -19.99
N GLU C 10 12.20 19.85 -18.98
CA GLU C 10 11.88 19.10 -17.76
C GLU C 10 12.12 20.02 -16.56
N GLY C 11 11.03 20.44 -15.92
CA GLY C 11 11.09 21.24 -14.73
C GLY C 11 10.17 20.72 -13.64
N THR C 12 10.08 19.41 -13.48
CA THR C 12 9.18 18.86 -12.48
C THR C 12 9.79 18.80 -11.09
N ALA C 13 11.11 18.76 -10.97
CA ALA C 13 11.75 18.60 -9.68
C ALA C 13 13.08 19.36 -9.69
N GLU C 14 13.91 19.07 -8.71
CA GLU C 14 15.18 19.77 -8.48
C GLU C 14 16.22 19.50 -9.56
N LYS C 15 15.91 18.79 -10.64
CA LYS C 15 16.87 18.52 -11.72
C LYS C 15 16.31 19.09 -13.03
N THR C 16 16.84 20.23 -13.45
CA THR C 16 16.46 20.80 -14.73
C THR C 16 16.95 19.92 -15.88
N GLY C 17 16.10 19.73 -16.88
CA GLY C 17 16.49 18.94 -18.04
C GLY C 17 16.09 19.62 -19.33
N VAL C 18 17.00 19.56 -20.31
CA VAL C 18 16.74 20.10 -21.65
C VAL C 18 17.16 19.06 -22.67
N GLY C 19 16.24 18.71 -23.58
CA GLY C 19 16.54 17.72 -24.59
C GLY C 19 15.94 18.10 -25.92
N ILE C 20 16.49 17.49 -26.97
CA ILE C 20 15.89 17.51 -28.30
C ILE C 20 15.94 16.09 -28.85
N VAL C 21 14.83 15.65 -29.43
CA VAL C 21 14.67 14.29 -29.92
C VAL C 21 14.01 14.32 -31.30
N THR C 22 13.96 13.14 -31.92
CA THR C 22 13.42 12.94 -33.24
C THR C 22 12.36 11.85 -33.19
N SER C 23 11.61 11.70 -34.29
CA SER C 23 10.55 10.72 -34.37
C SER C 23 11.04 9.32 -34.71
N ASP C 24 12.29 9.17 -35.15
CA ASP C 24 12.79 7.85 -35.50
C ASP C 24 13.05 7.00 -34.27
N GLY C 25 13.30 7.63 -33.12
CA GLY C 25 13.48 6.89 -31.89
C GLY C 25 14.82 7.09 -31.22
N GLU C 26 15.47 8.23 -31.50
CA GLU C 26 16.76 8.55 -30.91
C GLU C 26 16.73 9.97 -30.36
N VAL C 27 17.58 10.22 -29.38
CA VAL C 27 17.69 11.51 -28.72
C VAL C 27 18.88 12.24 -29.32
N LEU C 28 18.61 13.34 -30.03
CA LEU C 28 19.69 14.13 -30.60
C LEU C 28 20.54 14.78 -29.52
N PHE C 29 19.90 15.28 -28.46
CA PHE C 29 20.63 15.96 -27.41
C PHE C 29 19.87 15.84 -26.09
N ASN C 30 20.61 15.76 -24.99
CA ASN C 30 20.00 15.64 -23.67
C ASN C 30 21.01 16.11 -22.63
N LYS C 31 20.61 17.06 -21.79
CA LYS C 31 21.44 17.50 -20.68
C LYS C 31 20.58 17.69 -19.45
N THR C 32 21.20 17.43 -18.30
CA THR C 32 20.56 17.57 -17.00
C THR C 32 21.47 18.37 -16.07
N ILE C 33 20.86 19.04 -15.11
CA ILE C 33 21.63 19.69 -14.04
C ILE C 33 20.79 19.72 -12.78
N MET C 34 21.34 19.18 -11.70
CA MET C 34 20.61 19.03 -10.45
C MET C 34 20.65 20.31 -9.63
N TYR C 35 19.98 20.26 -8.48
CA TYR C 35 20.00 21.33 -7.49
C TYR C 35 20.30 20.73 -6.13
N LYS C 36 21.23 21.33 -5.40
CA LYS C 36 21.60 20.85 -4.08
C LYS C 36 21.23 21.88 -3.01
N PRO C 37 20.17 21.67 -2.25
CA PRO C 37 19.73 22.67 -1.28
C PRO C 37 20.36 22.41 0.08
N PRO C 38 20.25 23.35 1.02
CA PRO C 38 20.77 23.10 2.38
C PRO C 38 19.81 22.32 3.25
N LYS C 39 19.18 21.30 2.68
CA LYS C 39 18.40 20.27 3.37
C LYS C 39 17.16 20.78 4.08
N GLN C 40 16.89 22.09 4.08
CA GLN C 40 15.76 22.62 4.83
C GLN C 40 15.48 24.04 4.39
N GLY C 41 14.53 24.67 5.10
CA GLY C 41 14.17 26.06 4.85
C GLY C 41 12.95 26.50 5.63
N ILE C 42 12.99 27.71 6.19
CA ILE C 42 11.87 28.28 6.92
C ILE C 42 11.38 29.52 6.17
N ASN C 43 10.07 29.56 5.91
CA ASN C 43 9.45 30.55 5.03
C ASN C 43 10.30 30.73 3.79
N PRO C 44 10.61 29.65 3.07
CA PRO C 44 11.72 29.70 2.12
C PRO C 44 11.35 30.33 0.79
N ARG C 45 12.33 31.00 0.20
CA ARG C 45 12.25 31.39 -1.20
C ARG C 45 12.28 30.14 -2.07
N GLU C 46 11.53 30.16 -3.17
CA GLU C 46 11.46 29.01 -4.04
C GLU C 46 12.84 28.62 -4.55
N ALA C 47 13.14 27.33 -4.48
CA ALA C 47 14.42 26.79 -4.94
C ALA C 47 14.38 26.37 -6.39
N ALA C 48 13.26 26.58 -7.08
CA ALA C 48 13.12 26.24 -8.48
C ALA C 48 13.70 27.31 -9.41
N ASP C 49 14.18 28.43 -8.86
CA ASP C 49 14.82 29.45 -9.68
C ASP C 49 16.05 28.91 -10.41
N HIS C 50 16.63 27.82 -9.90
CA HIS C 50 17.73 27.17 -10.61
C HIS C 50 17.32 26.83 -12.05
N HIS C 51 16.06 26.43 -12.24
CA HIS C 51 15.55 26.23 -13.59
C HIS C 51 15.62 27.53 -14.38
N ALA C 52 15.15 28.63 -13.78
CA ALA C 52 15.15 29.91 -14.48
C ALA C 52 16.57 30.37 -14.82
N GLU C 53 17.58 29.89 -14.09
CA GLU C 53 18.95 30.28 -14.39
C GLU C 53 19.62 29.36 -15.40
N THR C 54 19.39 28.06 -15.32
CA THR C 54 20.12 27.13 -16.18
C THR C 54 19.37 26.77 -17.46
N PHE C 55 18.06 26.98 -17.53
CA PHE C 55 17.36 26.82 -18.80
C PHE C 55 17.93 27.73 -19.88
N PRO C 56 18.20 29.01 -19.64
CA PRO C 56 18.90 29.80 -20.69
C PRO C 56 20.24 29.20 -21.09
N LYS C 57 21.03 28.72 -20.14
CA LYS C 57 22.34 28.19 -20.47
C LYS C 57 22.23 26.89 -21.26
N LEU C 58 21.39 25.98 -20.81
CA LEU C 58 21.20 24.72 -21.53
C LEU C 58 20.62 24.97 -22.91
N ILE C 59 19.69 25.92 -23.02
CA ILE C 59 19.09 26.23 -24.31
C ILE C 59 20.12 26.84 -25.26
N LYS C 60 20.98 27.72 -24.74
CA LYS C 60 22.04 28.27 -25.59
C LYS C 60 23.03 27.20 -26.02
N GLU C 61 23.35 26.27 -25.12
CA GLU C 61 24.25 25.18 -25.49
C GLU C 61 23.61 24.33 -26.58
N ALA C 62 22.30 24.06 -26.46
CA ALA C 62 21.57 23.40 -27.52
C ALA C 62 21.60 24.22 -28.80
N PHE C 63 21.58 25.54 -28.69
CA PHE C 63 21.67 26.41 -29.86
C PHE C 63 23.01 26.22 -30.56
N GLU C 64 24.09 26.10 -29.79
CA GLU C 64 25.38 25.82 -30.42
C GLU C 64 25.41 24.42 -31.05
N VAL C 65 24.83 23.43 -30.39
CA VAL C 65 24.90 22.08 -30.96
C VAL C 65 23.91 21.91 -32.12
N VAL C 66 22.82 22.68 -32.14
CA VAL C 66 21.85 22.63 -33.23
C VAL C 66 21.20 23.99 -33.35
N ASP C 67 20.93 24.39 -34.60
CA ASP C 67 20.39 25.72 -34.85
C ASP C 67 19.03 25.89 -34.18
N LYS C 68 18.78 27.10 -33.67
CA LYS C 68 17.55 27.36 -32.93
C LYS C 68 16.30 27.23 -33.78
N ASN C 69 16.43 27.35 -35.10
CA ASN C 69 15.30 27.15 -36.00
C ASN C 69 15.20 25.73 -36.53
N GLU C 70 16.16 24.87 -36.20
CA GLU C 70 16.17 23.52 -36.76
C GLU C 70 14.97 22.70 -36.27
N ILE C 71 14.62 22.86 -35.00
CA ILE C 71 13.57 22.05 -34.37
C ILE C 71 12.21 22.38 -34.97
N ASP C 72 11.23 21.51 -34.76
CA ASP C 72 9.90 21.66 -35.33
C ASP C 72 8.81 21.78 -34.27
N LEU C 73 8.88 20.99 -33.20
CA LEU C 73 7.86 20.98 -32.15
C LEU C 73 8.53 21.25 -30.81
N ILE C 74 7.72 21.62 -29.82
CA ILE C 74 8.23 21.82 -28.48
C ILE C 74 7.25 21.20 -27.47
N ALA C 75 7.82 20.57 -26.46
CA ALA C 75 7.04 19.94 -25.39
C ALA C 75 7.61 20.34 -24.05
N PHE C 76 6.74 20.65 -23.10
CA PHE C 76 7.17 20.99 -21.75
C PHE C 76 6.51 20.07 -20.75
N SER C 77 7.22 19.81 -19.65
CA SER C 77 6.66 18.98 -18.60
C SER C 77 5.53 19.72 -17.93
N GLN C 78 4.30 19.49 -18.40
CA GLN C 78 3.14 20.14 -17.82
C GLN C 78 2.95 19.70 -16.37
N GLY C 79 3.12 18.41 -16.09
CA GLY C 79 3.01 17.88 -14.75
C GLY C 79 3.15 16.37 -14.76
N PRO C 80 3.10 15.75 -13.58
CA PRO C 80 3.02 16.35 -12.24
C PRO C 80 4.40 16.78 -11.76
N GLY C 81 4.46 17.63 -10.75
CA GLY C 81 5.74 18.04 -10.22
C GLY C 81 5.59 19.24 -9.31
N LEU C 82 6.74 19.75 -8.88
CA LEU C 82 6.75 20.96 -8.06
C LEU C 82 6.15 22.11 -8.85
N GLY C 83 5.24 22.85 -8.22
CA GLY C 83 4.49 23.89 -8.87
C GLY C 83 5.34 24.92 -9.59
N PRO C 84 6.10 25.71 -8.84
CA PRO C 84 6.87 26.80 -9.46
C PRO C 84 7.82 26.34 -10.55
N SER C 85 8.46 25.18 -10.37
CA SER C 85 9.35 24.68 -11.41
C SER C 85 8.57 24.27 -12.65
N LEU C 86 7.39 23.68 -12.46
CA LEU C 86 6.53 23.40 -13.60
C LEU C 86 6.16 24.68 -14.34
N ARG C 87 5.87 25.74 -13.59
CA ARG C 87 5.56 27.02 -14.21
C ARG C 87 6.75 27.58 -14.98
N VAL C 88 7.96 27.42 -14.43
CA VAL C 88 9.16 27.92 -15.12
C VAL C 88 9.36 27.18 -16.43
N THR C 89 9.27 25.84 -16.41
CA THR C 89 9.46 25.12 -17.66
C THR C 89 8.33 25.40 -18.64
N ALA C 90 7.11 25.64 -18.14
CA ALA C 90 6.01 25.99 -19.03
C ALA C 90 6.25 27.32 -19.71
N THR C 91 6.67 28.34 -18.95
CA THR C 91 6.90 29.65 -19.55
C THR C 91 8.06 29.61 -20.53
N VAL C 92 9.12 28.84 -20.22
CA VAL C 92 10.23 28.74 -21.15
C VAL C 92 9.79 28.06 -22.44
N ALA C 93 9.00 26.99 -22.32
CA ALA C 93 8.54 26.30 -23.51
C ALA C 93 7.62 27.19 -24.36
N ARG C 94 6.73 27.94 -23.71
CA ARG C 94 5.86 28.84 -24.48
C ARG C 94 6.68 29.92 -25.18
N THR C 95 7.67 30.48 -24.47
CA THR C 95 8.53 31.49 -25.06
C THR C 95 9.22 30.94 -26.30
N LEU C 96 9.83 29.76 -26.19
CA LEU C 96 10.50 29.20 -27.36
C LEU C 96 9.51 28.83 -28.46
N SER C 97 8.34 28.30 -28.08
CA SER C 97 7.35 27.85 -29.06
C SER C 97 6.91 28.99 -29.96
N LEU C 98 6.48 30.09 -29.37
CA LEU C 98 5.99 31.21 -30.17
C LEU C 98 7.04 32.29 -30.36
N THR C 99 8.31 31.99 -30.03
CA THR C 99 9.43 32.67 -30.67
C THR C 99 9.71 32.06 -32.03
N LEU C 100 9.84 30.73 -32.06
CA LEU C 100 10.02 30.02 -33.32
C LEU C 100 8.70 29.80 -34.06
N LYS C 101 7.57 30.17 -33.47
CA LYS C 101 6.25 29.98 -34.06
C LYS C 101 6.02 28.52 -34.41
N LYS C 102 6.20 27.67 -33.39
CA LYS C 102 6.13 26.24 -33.55
C LYS C 102 5.11 25.64 -32.58
N PRO C 103 4.51 24.51 -32.92
CA PRO C 103 3.52 23.90 -32.02
C PRO C 103 4.13 23.51 -30.69
N ILE C 104 3.35 23.73 -29.62
CA ILE C 104 3.74 23.43 -28.26
C ILE C 104 2.80 22.38 -27.71
N ILE C 105 3.27 21.61 -26.74
CA ILE C 105 2.41 20.63 -26.07
C ILE C 105 2.87 20.43 -24.63
N GLY C 106 1.89 20.36 -23.74
CA GLY C 106 2.15 19.91 -22.38
C GLY C 106 2.21 18.40 -22.31
N VAL C 107 3.13 17.90 -21.49
CA VAL C 107 3.46 16.49 -21.44
C VAL C 107 3.41 16.02 -19.99
N ASN C 108 2.84 14.84 -19.77
CA ASN C 108 2.81 14.26 -18.43
C ASN C 108 4.19 13.74 -18.08
N HIS C 109 4.72 14.18 -16.94
CA HIS C 109 6.05 13.78 -16.51
C HIS C 109 6.14 12.27 -16.34
N CYS C 110 5.20 11.69 -15.59
CA CYS C 110 5.20 10.26 -15.35
C CYS C 110 5.11 9.50 -16.68
N ILE C 111 4.15 9.86 -17.53
CA ILE C 111 3.94 9.14 -18.77
C ILE C 111 5.18 9.24 -19.66
N ALA C 112 5.87 10.39 -19.61
CA ALA C 112 7.15 10.50 -20.31
C ALA C 112 8.17 9.52 -19.75
N HIS C 113 8.17 9.35 -18.42
CA HIS C 113 9.04 8.36 -17.81
C HIS C 113 8.76 6.96 -18.38
N ILE C 114 7.49 6.59 -18.44
CA ILE C 114 7.13 5.27 -19.00
C ILE C 114 7.57 5.18 -20.45
N GLU C 115 7.33 6.24 -21.23
CA GLU C 115 7.65 6.17 -22.66
C GLU C 115 9.14 5.98 -22.90
N ILE C 116 9.98 6.70 -22.14
CA ILE C 116 11.42 6.54 -22.33
C ILE C 116 11.90 5.19 -21.78
N GLY C 117 11.30 4.73 -20.68
CA GLY C 117 11.61 3.37 -20.23
C GLY C 117 11.25 2.33 -21.26
N LYS C 118 10.20 2.59 -22.04
CA LYS C 118 9.83 1.67 -23.12
C LYS C 118 10.81 1.76 -24.29
N LEU C 119 11.18 2.98 -24.70
CA LEU C 119 12.03 3.11 -25.88
C LEU C 119 13.44 2.60 -25.61
N THR C 120 13.97 2.87 -24.41
CA THR C 120 15.32 2.44 -24.09
C THR C 120 15.43 0.93 -23.93
N THR C 121 14.31 0.23 -23.77
CA THR C 121 14.30 -1.19 -23.46
C THR C 121 13.43 -1.93 -24.47
N GLU C 122 13.28 -3.23 -24.25
CA GLU C 122 12.49 -4.10 -25.11
C GLU C 122 11.03 -4.18 -24.68
N ALA C 123 10.67 -3.60 -23.54
CA ALA C 123 9.32 -3.73 -23.02
C ALA C 123 8.30 -3.13 -23.98
N GLU C 124 7.13 -3.75 -24.05
CA GLU C 124 6.05 -3.30 -24.93
C GLU C 124 5.04 -2.44 -24.19
N ASP C 125 4.45 -2.96 -23.12
CA ASP C 125 3.48 -2.21 -22.31
C ASP C 125 3.66 -2.61 -20.85
N PRO C 126 4.71 -2.10 -20.20
CA PRO C 126 5.05 -2.56 -18.86
C PRO C 126 4.35 -1.81 -17.75
N LEU C 127 4.21 -2.50 -16.62
CA LEU C 127 3.70 -1.89 -15.40
C LEU C 127 4.84 -1.12 -14.73
N THR C 128 4.68 0.20 -14.60
CA THR C 128 5.80 1.02 -14.16
C THR C 128 5.76 1.25 -12.65
N LEU C 129 6.95 1.28 -12.06
CA LEU C 129 7.16 1.67 -10.68
C LEU C 129 8.01 2.93 -10.74
N TYR C 130 7.35 4.08 -10.70
CA TYR C 130 8.05 5.36 -10.80
C TYR C 130 8.31 5.87 -9.39
N VAL C 131 9.56 5.81 -8.96
CA VAL C 131 9.99 6.21 -7.63
C VAL C 131 11.01 7.33 -7.78
N SER C 132 10.82 8.41 -7.03
CA SER C 132 11.71 9.55 -7.16
C SER C 132 11.72 10.31 -5.84
N GLY C 133 12.26 11.53 -5.87
CA GLY C 133 12.43 12.30 -4.66
C GLY C 133 11.12 12.64 -3.96
N GLY C 134 10.06 12.84 -4.72
CA GLY C 134 8.79 13.21 -4.12
C GLY C 134 7.58 12.54 -4.72
N ASN C 135 7.80 11.65 -5.69
CA ASN C 135 6.70 11.02 -6.41
C ASN C 135 7.02 9.54 -6.60
N THR C 136 6.43 8.69 -5.76
CA THR C 136 6.52 7.25 -5.91
C THR C 136 5.11 6.69 -6.13
N GLN C 137 4.98 5.84 -7.15
CA GLN C 137 3.70 5.26 -7.50
C GLN C 137 3.85 4.21 -8.59
N VAL C 138 2.98 3.20 -8.59
CA VAL C 138 2.93 2.20 -9.65
C VAL C 138 1.77 2.54 -10.57
N ILE C 139 2.02 2.50 -11.88
CA ILE C 139 1.06 2.93 -12.88
C ILE C 139 0.96 1.87 -13.97
N ALA C 140 -0.24 1.69 -14.51
CA ALA C 140 -0.49 0.66 -15.52
C ALA C 140 -1.30 1.22 -16.67
N TYR C 141 -1.17 0.58 -17.83
CA TYR C 141 -1.97 0.91 -19.01
C TYR C 141 -3.22 0.04 -18.99
N VAL C 142 -4.32 0.61 -18.51
CA VAL C 142 -5.60 -0.08 -18.43
C VAL C 142 -6.64 0.78 -19.13
N SER C 143 -7.47 0.15 -19.97
CA SER C 143 -8.58 0.81 -20.65
C SER C 143 -8.11 2.08 -21.38
N LYS C 144 -6.98 1.95 -22.08
CA LYS C 144 -6.38 3.06 -22.82
C LYS C 144 -6.13 4.27 -21.91
N LYS C 145 -5.55 4.01 -20.74
CA LYS C 145 -5.25 5.08 -19.80
C LYS C 145 -4.15 4.62 -18.85
N TYR C 146 -3.20 5.50 -18.56
CA TYR C 146 -2.26 5.25 -17.48
C TYR C 146 -2.91 5.59 -16.16
N ARG C 147 -3.05 4.59 -15.30
CA ARG C 147 -3.78 4.69 -14.05
C ARG C 147 -2.87 4.36 -12.87
N VAL C 148 -3.01 5.14 -11.80
CA VAL C 148 -2.25 4.94 -10.58
C VAL C 148 -2.92 3.84 -9.76
N PHE C 149 -2.16 2.79 -9.46
CA PHE C 149 -2.69 1.69 -8.65
C PHE C 149 -2.26 1.80 -7.18
N GLY C 150 -0.96 1.86 -6.94
CA GLY C 150 -0.45 1.98 -5.59
C GLY C 150 0.51 3.13 -5.45
N GLU C 151 0.21 4.03 -4.51
CA GLU C 151 1.03 5.22 -4.29
C GLU C 151 1.24 5.40 -2.80
N THR C 152 2.29 6.14 -2.46
CA THR C 152 2.53 6.47 -1.06
C THR C 152 1.37 7.30 -0.53
N LEU C 153 1.29 7.39 0.80
CA LEU C 153 0.28 8.20 1.45
C LEU C 153 0.86 9.36 2.25
N ASP C 154 2.11 9.25 2.71
CA ASP C 154 2.73 10.30 3.51
C ASP C 154 3.97 10.88 2.85
N ILE C 155 4.95 10.04 2.51
CA ILE C 155 6.25 10.50 2.02
C ILE C 155 6.74 9.53 0.96
N ALA C 156 7.36 10.06 -0.08
CA ALA C 156 7.92 9.22 -1.13
C ALA C 156 9.21 8.55 -0.65
N VAL C 157 9.65 7.54 -1.41
CA VAL C 157 10.87 6.83 -1.06
C VAL C 157 12.08 7.76 -1.14
N GLY C 158 12.15 8.58 -2.19
CA GLY C 158 13.25 9.50 -2.32
C GLY C 158 13.31 10.49 -1.18
N ASN C 159 12.17 11.08 -0.82
CA ASN C 159 12.14 12.01 0.31
C ASN C 159 12.46 11.30 1.62
N CYS C 160 12.02 10.05 1.76
CA CYS C 160 12.33 9.28 2.96
C CYS C 160 13.84 9.10 3.10
N LEU C 161 14.50 8.62 2.05
CA LEU C 161 15.95 8.47 2.11
C LEU C 161 16.63 9.81 2.29
N ASP C 162 16.06 10.88 1.72
CA ASP C 162 16.66 12.21 1.86
C ASP C 162 16.67 12.65 3.32
N GLN C 163 15.53 12.53 4.01
CA GLN C 163 15.50 12.98 5.39
C GLN C 163 16.25 12.02 6.31
N PHE C 164 16.30 10.72 5.95
CA PHE C 164 17.12 9.81 6.72
C PHE C 164 18.59 10.17 6.62
N ALA C 165 19.06 10.51 5.41
CA ALA C 165 20.43 11.00 5.26
C ALA C 165 20.62 12.34 5.96
N ARG C 166 19.58 13.16 6.00
CA ARG C 166 19.65 14.43 6.71
C ARG C 166 19.92 14.21 8.20
N TYR C 167 19.22 13.27 8.81
CA TYR C 167 19.43 13.03 10.23
C TYR C 167 20.72 12.25 10.48
N VAL C 168 21.08 11.35 9.57
CA VAL C 168 22.41 10.75 9.59
C VAL C 168 23.47 11.79 9.25
N ASN C 169 23.06 12.90 8.64
CA ASN C 169 23.92 14.01 8.24
C ASN C 169 24.86 13.64 7.10
N LEU C 170 24.52 12.61 6.33
CA LEU C 170 25.20 12.39 5.06
C LEU C 170 24.82 13.52 4.10
N PRO C 171 25.80 14.21 3.51
CA PRO C 171 25.46 15.36 2.66
C PRO C 171 24.64 14.94 1.45
N HIS C 172 23.73 15.82 1.05
CA HIS C 172 22.88 15.54 -0.10
C HIS C 172 23.71 15.56 -1.39
N PRO C 173 23.49 14.61 -2.30
CA PRO C 173 22.52 13.50 -2.25
C PRO C 173 22.97 12.37 -1.32
N GLY C 174 22.06 11.87 -0.50
CA GLY C 174 22.32 10.75 0.38
C GLY C 174 22.02 9.39 -0.19
N GLY C 175 21.65 9.30 -1.47
CA GLY C 175 21.30 8.05 -2.07
C GLY C 175 22.43 7.04 -2.06
N PRO C 176 23.49 7.31 -2.83
CA PRO C 176 24.66 6.41 -2.80
C PRO C 176 25.31 6.32 -1.43
N TYR C 177 25.28 7.40 -0.64
CA TYR C 177 25.87 7.35 0.69
C TYR C 177 25.18 6.31 1.56
N ILE C 178 23.84 6.30 1.54
CA ILE C 178 23.10 5.30 2.30
C ILE C 178 23.27 3.93 1.67
N GLU C 179 23.31 3.86 0.33
CA GLU C 179 23.47 2.58 -0.34
C GLU C 179 24.76 1.90 0.05
N GLU C 180 25.83 2.68 0.26
CA GLU C 180 27.11 2.11 0.65
C GLU C 180 27.24 1.92 2.16
N LEU C 181 26.73 2.88 2.95
CA LEU C 181 26.79 2.74 4.40
C LEU C 181 25.96 1.56 4.88
N ALA C 182 24.91 1.20 4.15
CA ALA C 182 24.09 0.06 4.49
C ALA C 182 24.68 -1.26 4.03
N ARG C 183 25.78 -1.24 3.27
CA ARG C 183 26.42 -2.46 2.83
C ARG C 183 26.97 -3.27 3.99
N LYS C 184 27.22 -2.64 5.13
CA LYS C 184 27.80 -3.31 6.29
C LYS C 184 26.86 -3.29 7.49
N GLY C 185 25.58 -2.99 7.29
CA GLY C 185 24.62 -3.11 8.37
C GLY C 185 24.49 -4.54 8.83
N LYS C 186 24.43 -4.73 10.15
CA LYS C 186 24.45 -6.06 10.74
C LYS C 186 23.11 -6.46 11.35
N LYS C 187 22.58 -5.67 12.28
CA LYS C 187 21.34 -6.03 12.97
C LYS C 187 20.14 -5.44 12.23
N LEU C 188 19.12 -6.26 12.02
CA LEU C 188 17.91 -5.84 11.34
C LEU C 188 17.02 -5.16 12.37
N VAL C 189 17.13 -3.82 12.43
CA VAL C 189 16.40 -3.05 13.43
C VAL C 189 14.90 -3.21 13.21
N ASP C 190 14.15 -3.30 14.30
CA ASP C 190 12.70 -3.45 14.22
C ASP C 190 12.06 -2.13 13.78
N LEU C 191 11.35 -2.18 12.66
CA LEU C 191 10.67 -1.04 12.07
C LEU C 191 9.27 -1.44 11.67
N PRO C 192 8.35 -0.47 11.52
CA PRO C 192 6.98 -0.84 11.13
C PRO C 192 6.86 -1.15 9.65
N TYR C 193 6.73 -2.43 9.32
CA TYR C 193 6.39 -2.83 7.98
C TYR C 193 4.90 -2.57 7.74
N THR C 194 4.59 -1.91 6.63
CA THR C 194 3.20 -1.55 6.35
C THR C 194 2.95 -1.54 4.86
N VAL C 195 1.93 -2.28 4.43
CA VAL C 195 1.46 -2.28 3.05
C VAL C 195 -0.06 -2.17 3.14
N LYS C 196 -0.58 -0.95 3.09
CA LYS C 196 -2.02 -0.70 3.23
C LYS C 196 -2.65 -0.87 1.86
N GLY C 197 -3.09 -2.09 1.56
CA GLY C 197 -3.62 -2.37 0.24
C GLY C 197 -2.53 -2.18 -0.79
N MET C 198 -2.84 -1.40 -1.83
CA MET C 198 -1.82 -1.03 -2.80
C MET C 198 -0.91 0.07 -2.27
N ASP C 199 -1.42 0.93 -1.40
CA ASP C 199 -0.69 2.09 -0.94
C ASP C 199 0.44 1.69 0.01
N ILE C 200 1.20 2.69 0.46
CA ILE C 200 2.21 2.54 1.49
C ILE C 200 2.23 3.79 2.35
N ALA C 201 2.43 3.61 3.65
CA ALA C 201 2.75 4.70 4.55
C ALA C 201 4.24 4.66 4.86
N PHE C 202 4.86 5.84 4.93
CA PHE C 202 6.28 5.95 5.22
C PHE C 202 6.61 6.77 6.44
N SER C 203 5.65 7.52 6.99
CA SER C 203 5.93 8.32 8.19
C SER C 203 6.29 7.44 9.38
N GLY C 204 5.61 6.30 9.53
CA GLY C 204 5.89 5.42 10.65
C GLY C 204 7.31 4.87 10.61
N LEU C 205 7.77 4.48 9.42
CA LEU C 205 9.13 4.00 9.27
C LEU C 205 10.14 5.05 9.73
N LEU C 206 9.96 6.29 9.28
CA LEU C 206 10.86 7.37 9.64
C LEU C 206 10.81 7.67 11.14
N THR C 207 9.60 7.69 11.71
CA THR C 207 9.48 7.96 13.13
C THR C 207 10.16 6.88 13.97
N ALA C 208 10.00 5.62 13.58
CA ALA C 208 10.68 4.54 14.29
C ALA C 208 12.19 4.65 14.16
N ALA C 209 12.67 5.01 12.97
CA ALA C 209 14.10 5.23 12.80
C ALA C 209 14.60 6.36 13.68
N MET C 210 13.82 7.44 13.78
CA MET C 210 14.22 8.56 14.63
C MET C 210 14.24 8.15 16.10
N ARG C 211 13.25 7.38 16.54
CA ARG C 211 13.24 6.90 17.92
C ARG C 211 14.45 6.00 18.18
N ALA C 212 14.80 5.16 17.21
CA ALA C 212 15.99 4.33 17.36
C ALA C 212 17.25 5.18 17.47
N TYR C 213 17.36 6.22 16.65
CA TYR C 213 18.55 7.06 16.68
C TYR C 213 18.59 7.96 17.91
N ASP C 214 17.46 8.18 18.57
CA ASP C 214 17.49 8.82 19.88
C ASP C 214 18.28 7.98 20.87
N ALA C 215 18.13 6.65 20.81
CA ALA C 215 18.96 5.74 21.58
C ALA C 215 20.38 5.65 21.04
N GLY C 216 20.65 6.22 19.86
CA GLY C 216 21.98 6.23 19.31
C GLY C 216 22.51 4.85 18.93
N GLU C 217 21.70 4.06 18.24
CA GLU C 217 22.13 2.73 17.82
C GLU C 217 23.14 2.85 16.67
N ARG C 218 23.54 1.70 16.15
CA ARG C 218 24.58 1.68 15.12
C ARG C 218 24.07 2.30 13.83
N LEU C 219 24.90 3.14 13.23
CA LEU C 219 24.50 3.88 12.02
C LEU C 219 24.21 2.92 10.87
N GLU C 220 25.17 2.04 10.57
CA GLU C 220 25.05 1.16 9.42
C GLU C 220 23.90 0.18 9.59
N ASP C 221 23.67 -0.28 10.82
CA ASP C 221 22.59 -1.22 11.06
C ASP C 221 21.23 -0.60 10.73
N ILE C 222 20.96 0.60 11.25
CA ILE C 222 19.69 1.24 10.97
C ILE C 222 19.59 1.62 9.51
N CYS C 223 20.71 2.03 8.88
CA CYS C 223 20.70 2.30 7.46
C CYS C 223 20.23 1.08 6.67
N TYR C 224 20.84 -0.07 6.95
CA TYR C 224 20.47 -1.30 6.25
C TYR C 224 19.02 -1.69 6.55
N SER C 225 18.59 -1.49 7.80
CA SER C 225 17.24 -1.85 8.18
C SER C 225 16.22 -1.02 7.41
N LEU C 226 16.38 0.30 7.42
CA LEU C 226 15.44 1.16 6.69
C LEU C 226 15.49 0.88 5.20
N GLN C 227 16.69 0.70 4.65
CA GLN C 227 16.81 0.44 3.22
C GLN C 227 16.06 -0.82 2.84
N GLU C 228 16.30 -1.92 3.55
CA GLU C 228 15.62 -3.18 3.24
C GLU C 228 14.12 -3.07 3.47
N TYR C 229 13.70 -2.40 4.55
CA TYR C 229 12.27 -2.28 4.84
C TYR C 229 11.55 -1.53 3.71
N ALA C 230 12.05 -0.35 3.35
CA ALA C 230 11.41 0.44 2.32
C ALA C 230 11.42 -0.28 0.98
N PHE C 231 12.55 -0.90 0.62
CA PHE C 231 12.62 -1.56 -0.68
C PHE C 231 11.72 -2.79 -0.71
N SER C 232 11.59 -3.51 0.41
CA SER C 232 10.68 -4.64 0.47
C SER C 232 9.23 -4.20 0.36
N MET C 233 8.87 -3.09 1.02
CA MET C 233 7.50 -2.59 0.92
C MET C 233 7.17 -2.19 -0.51
N LEU C 234 8.10 -1.49 -1.17
CA LEU C 234 7.87 -1.10 -2.56
C LEU C 234 7.77 -2.33 -3.46
N THR C 235 8.64 -3.31 -3.25
CA THR C 235 8.58 -4.53 -4.06
C THR C 235 7.28 -5.28 -3.82
N GLU C 236 6.78 -5.27 -2.59
CA GLU C 236 5.53 -5.96 -2.27
C GLU C 236 4.35 -5.30 -2.98
N ILE C 237 4.27 -3.97 -2.92
CA ILE C 237 3.16 -3.33 -3.61
C ILE C 237 3.29 -3.52 -5.11
N THR C 238 4.52 -3.52 -5.64
CA THR C 238 4.71 -3.78 -7.05
C THR C 238 4.24 -5.18 -7.42
N GLU C 239 4.54 -6.17 -6.57
CA GLU C 239 4.12 -7.54 -6.84
C GLU C 239 2.61 -7.68 -6.82
N ARG C 240 1.94 -7.07 -5.83
CA ARG C 240 0.49 -7.20 -5.79
C ARG C 240 -0.18 -6.40 -6.90
N ALA C 241 0.39 -5.26 -7.27
CA ALA C 241 -0.12 -4.53 -8.43
C ALA C 241 0.04 -5.34 -9.71
N LEU C 242 1.18 -6.03 -9.86
CA LEU C 242 1.38 -6.90 -11.02
C LEU C 242 0.37 -8.04 -11.03
N ALA C 243 0.11 -8.63 -9.87
CA ALA C 243 -0.91 -9.67 -9.79
C ALA C 243 -2.28 -9.13 -10.19
N HIS C 244 -2.59 -7.90 -9.78
CA HIS C 244 -3.83 -7.27 -10.19
C HIS C 244 -3.87 -7.09 -11.71
N THR C 245 -2.77 -6.63 -12.29
CA THR C 245 -2.74 -6.42 -13.75
C THR C 245 -2.63 -7.73 -14.51
N ASN C 246 -1.96 -8.73 -13.93
CA ASN C 246 -1.64 -9.97 -14.63
C ASN C 246 -0.86 -9.68 -15.91
N LYS C 247 0.06 -8.73 -15.82
CA LYS C 247 0.91 -8.37 -16.96
C LYS C 247 2.06 -9.37 -17.08
N GLY C 248 3.03 -9.05 -17.92
CA GLY C 248 4.20 -9.89 -18.07
C GLY C 248 5.50 -9.11 -17.99
N GLU C 249 5.40 -7.78 -17.87
CA GLU C 249 6.56 -6.93 -17.86
C GLU C 249 6.40 -5.82 -16.83
N VAL C 250 7.45 -5.58 -16.06
CA VAL C 250 7.49 -4.54 -15.04
C VAL C 250 8.70 -3.66 -15.27
N MET C 251 8.53 -2.36 -15.07
CA MET C 251 9.57 -1.37 -15.26
C MET C 251 9.80 -0.63 -13.95
N LEU C 252 11.02 -0.12 -13.76
CA LEU C 252 11.36 0.72 -12.62
C LEU C 252 12.01 1.99 -13.14
N VAL C 253 11.43 3.13 -12.79
CA VAL C 253 11.88 4.42 -13.32
C VAL C 253 12.01 5.39 -12.15
N GLY C 254 12.82 6.43 -12.36
CA GLY C 254 12.99 7.47 -11.37
C GLY C 254 14.39 7.49 -10.77
N GLY C 255 14.77 8.62 -10.16
CA GLY C 255 16.14 8.79 -9.71
C GLY C 255 16.58 7.76 -8.68
N VAL C 256 15.69 7.44 -7.74
CA VAL C 256 16.04 6.52 -6.66
C VAL C 256 16.41 5.14 -7.20
N ALA C 257 16.04 4.83 -8.44
CA ALA C 257 16.40 3.56 -9.06
C ALA C 257 17.90 3.45 -9.26
N ALA C 258 18.65 4.51 -8.94
CA ALA C 258 20.11 4.42 -8.97
C ALA C 258 20.64 3.42 -7.96
N ASN C 259 19.92 3.22 -6.86
CA ASN C 259 20.34 2.26 -5.86
C ASN C 259 20.25 0.85 -6.42
N ASN C 260 21.40 0.16 -6.48
CA ASN C 260 21.47 -1.14 -7.14
C ASN C 260 20.69 -2.22 -6.39
N ARG C 261 20.48 -2.05 -5.09
CA ARG C 261 19.79 -3.10 -4.32
C ARG C 261 18.32 -3.20 -4.72
N LEU C 262 17.69 -2.07 -5.04
CA LEU C 262 16.34 -2.13 -5.60
C LEU C 262 16.32 -2.95 -6.88
N ARG C 263 17.31 -2.73 -7.75
CA ARG C 263 17.38 -3.48 -9.00
C ARG C 263 17.55 -4.96 -8.75
N GLU C 264 18.44 -5.32 -7.81
CA GLU C 264 18.66 -6.73 -7.51
C GLU C 264 17.42 -7.36 -6.87
N MET C 265 16.74 -6.62 -6.00
CA MET C 265 15.52 -7.13 -5.38
C MET C 265 14.44 -7.37 -6.42
N LEU C 266 14.27 -6.44 -7.36
CA LEU C 266 13.30 -6.64 -8.42
C LEU C 266 13.71 -7.78 -9.35
N LYS C 267 15.01 -7.96 -9.58
CA LYS C 267 15.48 -9.09 -10.38
C LYS C 267 15.13 -10.41 -9.69
N ALA C 268 15.34 -10.49 -8.38
CA ALA C 268 14.98 -11.69 -7.65
C ALA C 268 13.47 -11.94 -7.71
N MET C 269 12.69 -10.87 -7.54
CA MET C 269 11.23 -10.99 -7.62
C MET C 269 10.79 -11.53 -8.98
N CYS C 270 11.32 -10.94 -10.05
CA CYS C 270 10.91 -11.36 -11.39
C CYS C 270 11.41 -12.75 -11.73
N GLU C 271 12.60 -13.11 -11.23
CA GLU C 271 13.11 -14.47 -11.43
C GLU C 271 12.21 -15.48 -10.74
N GLY C 272 11.75 -15.17 -9.52
CA GLY C 272 10.78 -16.03 -8.87
C GLY C 272 9.42 -16.01 -9.53
N GLN C 273 9.10 -14.94 -10.26
CA GLN C 273 7.82 -14.80 -10.94
C GLN C 273 7.93 -14.99 -12.45
N ASN C 274 9.06 -15.48 -12.94
CA ASN C 274 9.29 -15.83 -14.35
C ASN C 274 8.83 -14.73 -15.29
N VAL C 275 9.21 -13.49 -14.96
CA VAL C 275 8.96 -12.33 -15.82
C VAL C 275 10.26 -11.56 -15.96
N ASP C 276 10.25 -10.60 -16.89
CA ASP C 276 11.44 -9.82 -17.20
C ASP C 276 11.22 -8.38 -16.77
N PHE C 277 12.32 -7.64 -16.60
CA PHE C 277 12.28 -6.36 -15.91
C PHE C 277 13.42 -5.48 -16.42
N TYR C 278 13.17 -4.16 -16.45
CA TYR C 278 14.15 -3.21 -16.95
C TYR C 278 14.18 -1.95 -16.09
N VAL C 279 15.31 -1.24 -16.17
CA VAL C 279 15.46 0.10 -15.62
C VAL C 279 16.14 0.96 -16.69
N PRO C 280 15.65 2.18 -16.94
CA PRO C 280 16.31 3.03 -17.93
C PRO C 280 17.68 3.48 -17.43
N PRO C 281 18.60 3.79 -18.34
CA PRO C 281 19.91 4.30 -17.91
C PRO C 281 19.78 5.67 -17.26
N LYS C 282 20.85 6.07 -16.55
CA LYS C 282 20.83 7.32 -15.80
C LYS C 282 20.48 8.52 -16.69
N GLU C 283 20.87 8.47 -17.97
CA GLU C 283 20.48 9.52 -18.90
C GLU C 283 18.96 9.60 -19.07
N PHE C 284 18.25 8.52 -18.76
CA PHE C 284 16.79 8.52 -18.78
C PHE C 284 16.17 8.01 -17.49
N CYS C 285 16.92 7.96 -16.40
CA CYS C 285 16.42 7.48 -15.12
C CYS C 285 16.34 8.60 -14.09
N GLY C 286 16.39 9.85 -14.51
CA GLY C 286 16.30 11.00 -13.63
C GLY C 286 15.30 12.02 -14.14
N ASP C 287 15.74 13.28 -14.21
CA ASP C 287 14.94 14.36 -14.77
C ASP C 287 15.69 14.97 -15.95
N ASN C 288 15.12 14.83 -17.14
CA ASN C 288 15.76 15.30 -18.36
C ASN C 288 14.69 15.75 -19.34
N GLY C 289 15.07 16.64 -20.26
CA GLY C 289 14.13 17.10 -21.26
C GLY C 289 13.82 16.10 -22.35
N ALA C 290 14.64 15.06 -22.48
CA ALA C 290 14.47 14.11 -23.57
C ALA C 290 13.13 13.39 -23.46
N MET C 291 12.72 13.04 -22.24
CA MET C 291 11.46 12.32 -22.07
C MET C 291 10.27 13.18 -22.50
N ILE C 292 10.26 14.43 -22.07
CA ILE C 292 9.17 15.33 -22.47
C ILE C 292 9.18 15.53 -23.97
N ALA C 293 10.35 15.72 -24.57
CA ALA C 293 10.42 15.86 -26.02
C ALA C 293 9.85 14.62 -26.72
N TRP C 294 10.25 13.43 -26.26
CA TRP C 294 9.80 12.20 -26.88
C TRP C 294 8.28 12.04 -26.77
N LEU C 295 7.72 12.33 -25.60
CA LEU C 295 6.29 12.17 -25.44
C LEU C 295 5.51 13.24 -26.20
N GLY C 296 6.06 14.46 -26.30
CA GLY C 296 5.43 15.45 -27.15
C GLY C 296 5.38 15.02 -28.60
N LEU C 297 6.48 14.44 -29.09
CA LEU C 297 6.48 13.90 -30.45
C LEU C 297 5.47 12.77 -30.59
N LEU C 298 5.39 11.89 -29.59
CA LEU C 298 4.42 10.80 -29.67
C LEU C 298 2.99 11.33 -29.72
N MET C 299 2.70 12.34 -28.90
CA MET C 299 1.36 12.92 -28.87
C MET C 299 1.02 13.61 -30.19
N HIS C 300 1.96 14.35 -30.77
CA HIS C 300 1.66 15.08 -31.99
C HIS C 300 1.79 14.25 -33.25
N LYS C 301 2.42 13.07 -33.19
CA LYS C 301 2.60 12.27 -34.39
C LYS C 301 1.30 11.60 -34.83
N ASN C 302 0.55 11.06 -33.88
CA ASN C 302 -0.70 10.38 -34.19
C ASN C 302 -1.88 11.33 -34.32
N GLY C 303 -1.62 12.63 -34.48
CA GLY C 303 -2.66 13.61 -34.73
C GLY C 303 -3.24 14.29 -33.51
N ARG C 304 -2.82 13.93 -32.31
CA ARG C 304 -3.33 14.56 -31.10
C ARG C 304 -2.65 15.91 -30.96
N TRP C 305 -3.20 16.92 -31.64
CA TRP C 305 -2.68 18.27 -31.56
C TRP C 305 -3.02 18.88 -30.19
N MET C 306 -2.23 19.88 -29.80
CA MET C 306 -2.39 20.56 -28.53
C MET C 306 -2.58 22.05 -28.77
N SER C 307 -3.65 22.60 -28.21
CA SER C 307 -3.92 24.02 -28.36
C SER C 307 -3.06 24.82 -27.39
N LEU C 308 -2.50 25.92 -27.89
CA LEU C 308 -1.52 26.69 -27.11
C LEU C 308 -2.16 27.27 -25.85
N ASP C 309 -3.37 27.80 -25.96
CA ASP C 309 -4.00 28.47 -24.81
C ASP C 309 -4.24 27.50 -23.67
N GLU C 310 -4.71 26.30 -23.97
CA GLU C 310 -5.08 25.32 -22.94
C GLU C 310 -3.92 24.41 -22.55
N THR C 311 -2.68 24.85 -22.77
CA THR C 311 -1.51 24.15 -22.26
C THR C 311 -1.19 24.51 -20.82
N LYS C 312 -2.17 25.01 -20.08
CA LYS C 312 -1.95 25.38 -18.69
C LYS C 312 -1.58 24.15 -17.86
N ILE C 313 -0.64 24.34 -16.94
CA ILE C 313 -0.14 23.22 -16.15
C ILE C 313 -1.07 22.93 -14.99
N ILE C 314 -0.89 21.76 -14.40
CA ILE C 314 -1.60 21.37 -13.18
C ILE C 314 -0.57 20.84 -12.18
N PRO C 315 -0.32 21.53 -11.07
CA PRO C 315 0.63 21.01 -10.08
C PRO C 315 0.21 19.68 -9.49
N ASN C 316 -1.07 19.33 -9.58
CA ASN C 316 -1.59 18.05 -9.11
C ASN C 316 -2.05 17.21 -10.29
N TYR C 317 -1.24 17.17 -11.35
CA TYR C 317 -1.62 16.57 -12.61
C TYR C 317 -1.69 15.05 -12.49
N ARG C 318 -2.88 14.52 -12.23
CA ARG C 318 -3.05 13.08 -12.08
C ARG C 318 -2.77 12.37 -13.40
N THR C 319 -2.37 11.10 -13.29
CA THR C 319 -1.91 10.35 -14.46
C THR C 319 -3.08 9.86 -15.32
N ASP C 320 -4.30 9.85 -14.80
CA ASP C 320 -5.45 9.36 -15.54
C ASP C 320 -6.24 10.47 -16.22
N MET C 321 -5.66 11.66 -16.34
CA MET C 321 -6.27 12.78 -17.05
C MET C 321 -5.47 13.12 -18.31
N VAL C 322 -4.97 12.09 -19.00
CA VAL C 322 -4.24 12.26 -20.24
C VAL C 322 -4.86 11.39 -21.31
N GLU C 323 -5.24 12.00 -22.43
CA GLU C 323 -5.88 11.30 -23.52
C GLU C 323 -4.80 10.52 -24.26
N VAL C 324 -4.53 9.30 -23.79
CA VAL C 324 -3.54 8.42 -24.40
C VAL C 324 -4.19 7.73 -25.59
N ASN C 325 -3.67 8.02 -26.80
CA ASN C 325 -4.24 7.49 -28.02
C ASN C 325 -3.19 6.88 -28.94
N TRP C 326 -1.99 6.60 -28.43
CA TRP C 326 -0.94 5.98 -29.22
C TRP C 326 -0.77 4.50 -28.94
N ILE C 327 -1.74 3.89 -28.23
CA ILE C 327 -1.74 2.47 -27.85
C ILE C 327 -0.35 1.94 -27.49
N VAL D 6 -2.28 46.33 -1.04
CA VAL D 6 -0.89 46.56 -1.39
C VAL D 6 -0.70 46.39 -2.90
N GLN D 7 -0.27 47.47 -3.55
CA GLN D 7 -0.09 47.49 -4.99
C GLN D 7 1.37 47.24 -5.37
N ALA D 8 1.57 46.65 -6.55
CA ALA D 8 2.91 46.43 -7.06
C ALA D 8 2.86 46.56 -8.58
N LYS D 9 3.61 47.52 -9.10
CA LYS D 9 3.68 47.78 -10.54
C LYS D 9 5.06 47.42 -11.05
N ILE D 10 5.11 46.55 -12.05
CA ILE D 10 6.36 46.08 -12.63
C ILE D 10 6.33 46.40 -14.12
N GLU D 11 7.35 47.12 -14.58
CA GLU D 11 7.51 47.46 -15.99
C GLU D 11 8.69 46.69 -16.56
N ILE D 12 8.50 46.11 -17.74
CA ILE D 12 9.54 45.33 -18.40
C ILE D 12 9.69 45.84 -19.83
N GLU D 13 10.93 46.18 -20.20
CA GLU D 13 11.27 46.66 -21.53
C GLU D 13 11.93 45.56 -22.34
N PHE D 14 11.87 45.70 -23.66
CA PHE D 14 12.34 44.68 -24.59
C PHE D 14 13.02 45.31 -25.78
N PRO D 15 13.95 44.59 -26.42
CA PRO D 15 14.65 45.17 -27.57
C PRO D 15 13.75 45.56 -28.73
N SER D 16 12.65 44.83 -28.94
CA SER D 16 11.78 45.09 -30.08
C SER D 16 10.34 44.79 -29.71
N GLU D 17 9.43 45.31 -30.53
CA GLU D 17 8.00 45.06 -30.31
C GLU D 17 7.67 43.59 -30.52
N ASP D 18 8.32 42.95 -31.48
CA ASP D 18 8.05 41.53 -31.74
C ASP D 18 8.44 40.67 -30.55
N VAL D 19 9.60 40.94 -29.93
CA VAL D 19 10.01 40.19 -28.75
C VAL D 19 9.05 40.45 -27.60
N ALA D 20 8.56 41.68 -27.47
CA ALA D 20 7.59 41.99 -26.45
C ALA D 20 6.30 41.20 -26.66
N LYS D 21 5.84 41.11 -27.90
CA LYS D 21 4.66 40.31 -28.20
C LYS D 21 4.90 38.84 -27.88
N VAL D 22 6.10 38.35 -28.19
CA VAL D 22 6.42 36.94 -27.91
C VAL D 22 6.36 36.65 -26.42
N VAL D 23 7.01 37.48 -25.62
CA VAL D 23 7.03 37.22 -24.18
C VAL D 23 5.63 37.43 -23.59
N TYR D 24 4.87 38.40 -24.11
CA TYR D 24 3.50 38.60 -23.65
C TYR D 24 2.65 37.37 -23.91
N GLU D 25 2.72 36.82 -25.13
CA GLU D 25 1.93 35.64 -25.45
C GLU D 25 2.39 34.43 -24.65
N ALA D 26 3.70 34.31 -24.41
CA ALA D 26 4.21 33.17 -23.65
C ALA D 26 3.74 33.21 -22.20
N VAL D 27 3.75 34.40 -21.57
CA VAL D 27 3.35 34.50 -20.18
C VAL D 27 1.84 34.71 -20.02
N LEU D 28 1.11 34.92 -21.13
CA LEU D 28 -0.33 35.07 -21.03
C LEU D 28 -0.99 33.81 -20.50
N TYR D 29 -0.68 32.66 -21.12
CA TYR D 29 -1.27 31.40 -20.66
C TYR D 29 -0.81 31.08 -19.25
N GLU D 30 0.46 31.32 -18.95
CA GLU D 30 0.98 31.02 -17.62
C GLU D 30 0.29 31.87 -16.56
N HIS D 31 -0.01 33.12 -16.89
CA HIS D 31 -0.80 33.96 -15.98
C HIS D 31 -2.16 33.33 -15.73
N LEU D 32 -2.77 32.76 -16.76
CA LEU D 32 -4.04 32.06 -16.63
C LEU D 32 -3.87 30.61 -16.20
N SER D 33 -2.63 30.12 -16.13
CA SER D 33 -2.36 28.73 -15.77
C SER D 33 -2.32 28.49 -14.26
N VAL D 34 -2.40 29.54 -13.46
CA VAL D 34 -2.38 29.41 -12.00
C VAL D 34 -3.78 28.96 -11.56
N PRO D 35 -3.92 27.76 -10.98
CA PRO D 35 -5.27 27.33 -10.56
C PRO D 35 -5.88 28.24 -9.51
N TYR D 36 -5.06 28.78 -8.60
CA TYR D 36 -5.53 29.74 -7.62
C TYR D 36 -4.41 30.75 -7.37
N ARG D 37 -4.73 32.02 -7.54
CA ARG D 37 -3.76 33.10 -7.37
C ARG D 37 -3.84 33.65 -5.96
N ARG D 38 -2.70 33.75 -5.29
CA ARG D 38 -2.66 34.35 -3.96
C ARG D 38 -2.87 35.85 -4.00
N SER D 39 -2.86 36.46 -5.18
CA SER D 39 -3.10 37.89 -5.33
C SER D 39 -3.72 38.15 -6.68
N GLU D 40 -4.41 39.29 -6.79
CA GLU D 40 -4.97 39.70 -8.06
C GLU D 40 -3.85 40.20 -8.96
N ILE D 41 -3.83 39.74 -10.21
CA ILE D 41 -2.76 40.08 -11.14
C ILE D 41 -3.37 40.48 -12.48
N ASP D 42 -2.87 41.58 -13.04
CA ASP D 42 -3.11 41.96 -14.42
C ASP D 42 -1.77 41.97 -15.16
N PHE D 43 -1.75 41.35 -16.33
CA PHE D 43 -0.53 41.16 -17.11
C PHE D 43 -0.82 41.63 -18.53
N LYS D 44 -0.28 42.78 -18.92
CA LYS D 44 -0.68 43.43 -20.15
C LYS D 44 0.52 43.87 -20.96
N LEU D 45 0.30 44.01 -22.28
CA LEU D 45 1.33 44.37 -23.24
C LEU D 45 1.01 45.74 -23.83
N GLU D 46 2.03 46.60 -23.91
CA GLU D 46 1.92 47.93 -24.50
C GLU D 46 3.11 48.10 -25.43
N GLY D 47 2.92 47.75 -26.70
CA GLY D 47 3.98 47.86 -27.70
C GLY D 47 5.21 47.05 -27.34
N LYS D 48 6.29 47.74 -26.98
CA LYS D 48 7.55 47.11 -26.60
C LYS D 48 7.73 47.04 -25.09
N LYS D 49 6.64 47.10 -24.33
CA LYS D 49 6.69 47.05 -22.87
C LYS D 49 5.63 46.09 -22.36
N ILE D 50 5.86 45.56 -21.16
CA ILE D 50 4.85 44.77 -20.46
C ILE D 50 4.71 45.27 -19.03
N ILE D 51 3.45 45.35 -18.58
CA ILE D 51 3.11 45.84 -17.25
C ILE D 51 2.47 44.71 -16.46
N LEU D 52 3.00 44.46 -15.27
CA LEU D 52 2.46 43.52 -14.30
C LEU D 52 1.95 44.32 -13.10
N ASP D 53 0.65 44.35 -12.92
CA ASP D 53 0.03 45.07 -11.81
C ASP D 53 -0.60 44.05 -10.86
N ILE D 54 -0.02 43.93 -9.66
CA ILE D 54 -0.45 42.93 -8.70
C ILE D 54 -0.99 43.64 -7.47
N LYS D 55 -2.21 43.32 -7.10
CA LYS D 55 -2.83 43.81 -5.87
C LYS D 55 -2.94 42.64 -4.89
N ALA D 56 -2.37 42.82 -3.71
CA ALA D 56 -2.32 41.76 -2.70
C ALA D 56 -2.58 42.35 -1.32
N THR D 57 -3.32 41.61 -0.51
CA THR D 57 -3.47 41.93 0.90
C THR D 57 -2.44 41.24 1.77
N ASP D 58 -1.56 40.43 1.17
CA ASP D 58 -0.54 39.69 1.90
C ASP D 58 0.82 39.95 1.27
N SER D 59 1.78 40.34 2.11
CA SER D 59 3.08 40.76 1.61
C SER D 59 3.93 39.59 1.15
N SER D 60 3.91 38.47 1.88
CA SER D 60 4.75 37.34 1.54
C SER D 60 4.35 36.73 0.20
N ALA D 61 3.05 36.51 0.00
CA ALA D 61 2.58 35.97 -1.27
C ALA D 61 2.79 36.97 -2.41
N LEU D 62 2.67 38.26 -2.12
CA LEU D 62 2.96 39.27 -3.13
C LEU D 62 4.42 39.18 -3.57
N ARG D 63 5.34 39.07 -2.62
CA ARG D 63 6.76 38.95 -2.96
C ARG D 63 7.02 37.66 -3.72
N GLY D 64 6.39 36.56 -3.32
CA GLY D 64 6.53 35.32 -4.06
C GLY D 64 6.06 35.44 -5.49
N THR D 65 4.91 36.07 -5.70
CA THR D 65 4.37 36.24 -7.05
C THR D 65 5.26 37.14 -7.89
N VAL D 66 5.75 38.25 -7.34
CA VAL D 66 6.59 39.14 -8.13
C VAL D 66 7.93 38.48 -8.44
N ASN D 67 8.48 37.71 -7.49
CA ASN D 67 9.71 36.99 -7.77
C ASN D 67 9.51 35.92 -8.85
N SER D 68 8.36 35.24 -8.80
CA SER D 68 8.06 34.25 -9.84
C SER D 68 7.91 34.90 -11.21
N TYR D 69 7.25 36.06 -11.26
CA TYR D 69 7.14 36.80 -12.50
C TYR D 69 8.51 37.24 -13.00
N LEU D 70 9.38 37.70 -12.09
CA LEU D 70 10.74 38.03 -12.48
C LEU D 70 11.45 36.83 -13.06
N ARG D 71 11.29 35.66 -12.42
CA ARG D 71 11.90 34.44 -12.91
C ARG D 71 11.43 34.12 -14.33
N TRP D 72 10.11 34.10 -14.53
CA TRP D 72 9.58 33.68 -15.83
C TRP D 72 9.94 34.68 -16.92
N ILE D 73 9.90 35.98 -16.61
CA ILE D 73 10.25 36.99 -17.60
C ILE D 73 11.74 36.91 -17.94
N LYS D 74 12.59 36.71 -16.93
CA LYS D 74 14.02 36.57 -17.20
C LYS D 74 14.28 35.36 -18.08
N ALA D 75 13.63 34.23 -17.78
CA ALA D 75 13.79 33.05 -18.62
C ALA D 75 13.33 33.32 -20.05
N ALA D 76 12.18 33.98 -20.19
CA ALA D 76 11.64 34.28 -21.51
C ALA D 76 12.59 35.14 -22.32
N ILE D 77 13.13 36.21 -21.71
CA ILE D 77 14.01 37.10 -22.45
C ILE D 77 15.36 36.45 -22.70
N ASP D 78 15.78 35.51 -21.84
CA ASP D 78 17.06 34.85 -22.01
C ASP D 78 16.98 33.63 -22.93
N VAL D 79 15.78 33.22 -23.33
CA VAL D 79 15.68 32.15 -24.33
C VAL D 79 16.38 32.57 -25.62
N ILE D 80 16.22 33.82 -26.02
CA ILE D 80 16.87 34.33 -27.23
C ILE D 80 18.14 35.08 -26.86
#